data_6LCA
#
_entry.id   6LCA
#
_cell.length_a   147.923
_cell.length_b   147.923
_cell.length_c   78.999
_cell.angle_alpha   90.000
_cell.angle_beta   90.000
_cell.angle_gamma   120.000
#
_symmetry.space_group_name_H-M   'H 3'
#
loop_
_entity.id
_entity.type
_entity.pdbx_description
1 polymer 'Segment polarity protein dishevelled homolog DVL-1'
2 non-polymer 'SULFATE ION'
3 water water
#
_entity_poly.entity_id   1
_entity_poly.type   'polypeptide(L)'
_entity_poly.pdbx_seq_one_letter_code
;GPLGSDHSLNIVTVTLNMERHHFLGISIVGQSNDRGDGGIYIGSIMKGGAVAADGRIEPGDMLLQVNDVNFENMSNDDAV
RVLREIVSQTGPISLTVAKATD
;
_entity_poly.pdbx_strand_id   A,B,C,D,E,F,G,H
#
loop_
_chem_comp.id
_chem_comp.type
_chem_comp.name
_chem_comp.formula
SO4 non-polymer 'SULFATE ION' 'O4 S -2'
#
# COMPACT_ATOMS: atom_id res chain seq x y z
N ASN A 10 -5.25 -15.39 4.20
CA ASN A 10 -3.85 -15.18 3.87
C ASN A 10 -2.95 -15.32 5.08
N ILE A 11 -2.50 -16.54 5.34
CA ILE A 11 -1.69 -16.87 6.51
C ILE A 11 -0.23 -16.89 6.09
N VAL A 12 0.63 -16.30 6.92
CA VAL A 12 2.06 -16.21 6.66
C VAL A 12 2.80 -16.52 7.95
N THR A 13 3.74 -17.47 7.89
CA THR A 13 4.59 -17.83 9.02
C THR A 13 5.98 -17.26 8.78
N VAL A 14 6.47 -16.48 9.74
CA VAL A 14 7.77 -15.84 9.67
C VAL A 14 8.64 -16.40 10.78
N THR A 15 9.83 -16.87 10.42
CA THR A 15 10.80 -17.41 11.38
C THR A 15 11.98 -16.47 11.49
N LEU A 16 12.23 -15.96 12.70
CA LEU A 16 13.31 -15.02 12.97
C LEU A 16 14.44 -15.73 13.70
N ASN A 17 15.67 -15.53 13.21
CA ASN A 17 16.82 -16.20 13.81
C ASN A 17 17.12 -15.71 15.23
N MET A 18 16.82 -14.45 15.52
CA MET A 18 17.10 -13.83 16.82
C MET A 18 18.58 -13.92 17.16
N GLU A 19 19.43 -13.60 16.18
CA GLU A 19 20.87 -13.53 16.34
C GLU A 19 21.38 -12.10 16.32
N ARG A 20 20.96 -11.32 15.32
CA ARG A 20 21.36 -9.93 15.17
C ARG A 20 20.60 -8.99 16.10
N HIS A 21 19.47 -9.43 16.65
CA HIS A 21 18.66 -8.64 17.57
C HIS A 21 18.16 -9.53 18.68
N HIS A 22 18.03 -8.96 19.88
CA HIS A 22 17.44 -9.69 21.00
C HIS A 22 15.93 -9.45 21.15
N PHE A 23 15.41 -8.35 20.63
CA PHE A 23 14.00 -8.01 20.78
C PHE A 23 13.30 -8.07 19.43
N LEU A 24 12.02 -8.46 19.45
CA LEU A 24 11.20 -8.38 18.25
C LEU A 24 10.96 -6.93 17.85
N GLY A 25 10.69 -6.06 18.81
CA GLY A 25 10.44 -4.65 18.54
C GLY A 25 9.07 -4.43 17.97
N ILE A 26 8.04 -5.00 18.62
CA ILE A 26 6.66 -4.89 18.16
C ILE A 26 5.77 -4.57 19.35
N SER A 27 4.67 -3.90 19.06
CA SER A 27 3.59 -3.71 20.02
C SER A 27 2.38 -4.51 19.58
N ILE A 28 1.69 -5.11 20.55
CA ILE A 28 0.50 -5.88 20.28
C ILE A 28 -0.66 -5.17 20.96
N VAL A 29 -1.85 -5.37 20.43
CA VAL A 29 -3.05 -4.72 20.94
C VAL A 29 -4.23 -5.66 20.83
N GLY A 30 -5.10 -5.65 21.84
CA GLY A 30 -6.30 -6.43 21.72
C GLY A 30 -7.30 -5.64 20.92
N GLN A 31 -7.79 -6.22 19.82
CA GLN A 31 -8.78 -5.59 18.97
C GLN A 31 -9.78 -6.64 18.52
N SER A 32 -11.03 -6.22 18.37
CA SER A 32 -12.08 -7.12 17.92
C SER A 32 -12.65 -6.68 16.58
N ASP A 34 -14.95 -9.04 14.44
CA ASP A 34 -16.38 -9.20 14.17
C ASP A 34 -16.80 -10.66 14.25
N GLY A 39 -8.97 -11.09 19.29
CA GLY A 39 -7.71 -11.36 18.62
C GLY A 39 -6.60 -10.41 19.01
N ILE A 40 -5.37 -10.79 18.70
CA ILE A 40 -4.18 -9.98 18.98
C ILE A 40 -3.61 -9.50 17.66
N TYR A 41 -3.36 -8.19 17.56
CA TYR A 41 -2.89 -7.57 16.33
C TYR A 41 -1.58 -6.81 16.57
N ILE A 42 -0.78 -6.73 15.52
CA ILE A 42 0.46 -5.96 15.55
C ILE A 42 0.10 -4.48 15.52
N GLY A 43 0.39 -3.77 16.61
CA GLY A 43 0.12 -2.35 16.67
C GLY A 43 1.10 -1.53 15.83
N SER A 44 2.38 -1.62 16.15
CA SER A 44 3.41 -0.93 15.39
C SER A 44 4.71 -1.72 15.51
N ILE A 45 5.62 -1.46 14.57
CA ILE A 45 6.90 -2.14 14.51
C ILE A 45 7.99 -1.12 14.77
N MET A 46 8.75 -1.33 15.83
CA MET A 46 9.77 -0.37 16.26
C MET A 46 11.03 -0.51 15.42
N LYS A 47 11.73 0.61 15.24
CA LYS A 47 13.01 0.58 14.54
C LYS A 47 14.06 -0.11 15.41
N GLY A 48 14.96 -0.83 14.75
CA GLY A 48 16.02 -1.52 15.45
C GLY A 48 15.67 -2.89 15.99
N GLY A 49 14.47 -3.39 15.68
CA GLY A 49 14.05 -4.71 16.14
C GLY A 49 14.21 -5.76 15.05
N ALA A 50 14.03 -7.02 15.46
CA ALA A 50 14.16 -8.12 14.52
C ALA A 50 13.05 -8.12 13.49
N VAL A 51 11.82 -7.80 13.91
CA VAL A 51 10.70 -7.80 12.99
C VAL A 51 10.87 -6.70 11.94
N ALA A 52 11.31 -5.52 12.37
CA ALA A 52 11.56 -4.44 11.41
C ALA A 52 12.67 -4.82 10.44
N ALA A 53 13.71 -5.49 10.93
CA ALA A 53 14.80 -5.92 10.05
C ALA A 53 14.31 -6.93 9.02
N ASP A 54 13.44 -7.86 9.44
CA ASP A 54 12.94 -8.88 8.52
C ASP A 54 11.98 -8.28 7.50
N GLY A 55 11.06 -7.42 7.95
CA GLY A 55 10.20 -6.67 7.06
C GLY A 55 8.97 -7.39 6.56
N ARG A 56 8.81 -8.68 6.83
CA ARG A 56 7.64 -9.39 6.33
C ARG A 56 6.38 -9.07 7.13
N ILE A 57 6.52 -8.90 8.44
CA ILE A 57 5.37 -8.55 9.27
C ILE A 57 5.17 -7.05 9.21
N GLU A 58 3.90 -6.63 9.19
CA GLU A 58 3.52 -5.24 9.02
C GLU A 58 2.48 -4.86 10.06
N PRO A 59 2.33 -3.56 10.34
CA PRO A 59 1.28 -3.13 11.29
C PRO A 59 -0.10 -3.53 10.80
N GLY A 60 -0.93 -4.01 11.73
CA GLY A 60 -2.25 -4.47 11.42
C GLY A 60 -2.39 -5.97 11.26
N ASP A 61 -1.27 -6.69 11.07
CA ASP A 61 -1.33 -8.14 10.99
C ASP A 61 -1.81 -8.72 12.32
N MET A 62 -2.55 -9.82 12.23
CA MET A 62 -3.12 -10.47 13.40
C MET A 62 -2.18 -11.58 13.88
N LEU A 63 -1.96 -11.64 15.19
CA LEU A 63 -1.02 -12.59 15.77
C LEU A 63 -1.78 -13.88 16.10
N LEU A 64 -1.48 -14.94 15.34
CA LEU A 64 -2.13 -16.22 15.55
C LEU A 64 -1.36 -17.10 16.52
N GLN A 65 -0.04 -17.20 16.32
CA GLN A 65 0.78 -18.07 17.15
C GLN A 65 2.21 -17.52 17.17
N VAL A 66 2.82 -17.55 18.35
CA VAL A 66 4.23 -17.20 18.53
C VAL A 66 4.90 -18.40 19.18
N ASN A 67 5.86 -18.99 18.48
CA ASN A 67 6.44 -20.26 18.89
C ASN A 67 5.34 -21.28 19.16
N ASP A 68 5.27 -21.80 20.38
CA ASP A 68 4.33 -22.84 20.73
C ASP A 68 3.03 -22.32 21.37
N VAL A 69 2.85 -21.01 21.46
CA VAL A 69 1.72 -20.41 22.16
C VAL A 69 0.75 -19.82 21.16
N ASN A 70 -0.52 -20.22 21.26
CA ASN A 70 -1.57 -19.68 20.42
C ASN A 70 -2.11 -18.38 21.01
N PHE A 71 -2.31 -17.38 20.14
CA PHE A 71 -2.74 -16.05 20.55
C PHE A 71 -4.17 -15.74 20.11
N GLU A 72 -4.89 -16.73 19.57
CA GLU A 72 -6.18 -16.45 18.94
C GLU A 72 -7.26 -16.12 19.96
N ASN A 73 -7.23 -16.79 21.11
CA ASN A 73 -8.29 -16.66 22.10
C ASN A 73 -7.75 -16.07 23.40
N MET A 74 -6.74 -15.22 23.28
CA MET A 74 -5.97 -14.76 24.44
C MET A 74 -6.29 -13.31 24.75
N SER A 75 -6.44 -13.01 26.04
CA SER A 75 -6.63 -11.66 26.51
C SER A 75 -5.34 -10.85 26.37
N ASN A 76 -5.49 -9.53 26.44
CA ASN A 76 -4.33 -8.64 26.37
C ASN A 76 -3.34 -8.90 27.50
N ASP A 77 -3.82 -9.34 28.66
CA ASP A 77 -2.92 -9.55 29.79
C ASP A 77 -1.98 -10.74 29.55
N ASP A 78 -2.53 -11.89 29.17
CA ASP A 78 -1.69 -13.05 28.87
C ASP A 78 -0.76 -12.80 27.69
N ALA A 79 -1.26 -12.15 26.63
CA ALA A 79 -0.49 -12.03 25.40
C ALA A 79 0.81 -11.27 25.62
N VAL A 80 0.78 -10.19 26.42
CA VAL A 80 2.00 -9.43 26.65
C VAL A 80 2.99 -10.25 27.49
N ARG A 81 2.47 -11.00 28.47
CA ARG A 81 3.32 -11.83 29.31
C ARG A 81 4.00 -12.93 28.49
N VAL A 82 3.24 -13.61 27.62
CA VAL A 82 3.82 -14.68 26.80
C VAL A 82 4.90 -14.12 25.88
N LEU A 83 4.63 -12.97 25.24
CA LEU A 83 5.62 -12.37 24.37
C LEU A 83 6.89 -12.00 25.15
N ARG A 84 6.71 -11.50 26.37
CA ARG A 84 7.83 -11.15 27.22
C ARG A 84 8.67 -12.37 27.58
N GLU A 85 8.00 -13.49 27.88
CA GLU A 85 8.72 -14.72 28.23
C GLU A 85 9.45 -15.30 27.03
N ILE A 86 8.82 -15.27 25.85
CA ILE A 86 9.42 -15.87 24.66
C ILE A 86 10.67 -15.12 24.24
N VAL A 87 10.64 -13.79 24.32
CA VAL A 87 11.80 -13.00 23.93
C VAL A 87 12.97 -13.31 24.85
N SER A 88 12.70 -13.59 26.13
CA SER A 88 13.76 -13.92 27.07
C SER A 88 14.44 -15.24 26.74
N GLN A 89 13.76 -16.15 26.05
CA GLN A 89 14.38 -17.43 25.68
C GLN A 89 15.30 -17.25 24.48
N THR A 90 16.38 -18.04 24.49
CA THR A 90 17.31 -18.07 23.36
C THR A 90 16.75 -18.93 22.23
N GLY A 91 17.26 -18.67 21.03
CA GLY A 91 16.87 -19.43 19.87
C GLY A 91 15.96 -18.65 18.94
N PRO A 92 15.54 -19.30 17.86
CA PRO A 92 14.71 -18.63 16.86
C PRO A 92 13.27 -18.45 17.34
N ILE A 93 12.60 -17.49 16.73
CA ILE A 93 11.19 -17.22 17.02
C ILE A 93 10.41 -17.27 15.72
N SER A 94 9.39 -18.11 15.67
CA SER A 94 8.50 -18.24 14.51
C SER A 94 7.16 -17.63 14.85
N LEU A 95 6.69 -16.73 14.00
CA LEU A 95 5.41 -16.05 14.19
C LEU A 95 4.47 -16.39 13.05
N THR A 96 3.24 -16.76 13.40
CA THR A 96 2.20 -17.07 12.42
C THR A 96 1.16 -15.95 12.46
N VAL A 97 1.03 -15.23 11.34
CA VAL A 97 0.18 -14.05 11.26
C VAL A 97 -0.82 -14.20 10.12
N ALA A 98 -1.87 -13.39 10.19
CA ALA A 98 -2.80 -13.18 9.10
C ALA A 98 -2.59 -11.76 8.58
N LYS A 99 -2.27 -11.64 7.29
CA LYS A 99 -1.87 -10.36 6.72
C LYS A 99 -3.06 -9.41 6.62
N ALA A 100 -2.73 -8.11 6.56
CA ALA A 100 -3.72 -7.06 6.42
C ALA A 100 -3.42 -6.20 5.19
N ASN B 10 -14.57 14.83 5.28
CA ASN B 10 -14.36 13.69 4.40
C ASN B 10 -15.14 12.47 4.86
N ILE B 11 -16.45 12.48 4.64
CA ILE B 11 -17.34 11.41 5.08
C ILE B 11 -17.62 10.51 3.87
N VAL B 12 -17.59 9.20 4.12
CA VAL B 12 -17.81 8.21 3.06
C VAL B 12 -18.73 7.12 3.61
N THR B 13 -19.80 6.84 2.88
CA THR B 13 -20.73 5.76 3.22
C THR B 13 -20.49 4.60 2.27
N VAL B 14 -20.20 3.43 2.82
CA VAL B 14 -19.91 2.22 2.05
C VAL B 14 -20.98 1.18 2.34
N THR B 15 -21.58 0.64 1.29
CA THR B 15 -22.59 -0.40 1.39
C THR B 15 -22.02 -1.70 0.84
N LEU B 16 -21.95 -2.73 1.68
CA LEU B 16 -21.39 -4.02 1.32
C LEU B 16 -22.53 -5.04 1.17
N ASN B 17 -22.52 -5.80 0.07
CA ASN B 17 -23.58 -6.77 -0.16
C ASN B 17 -23.55 -7.92 0.84
N MET B 18 -22.37 -8.28 1.33
CA MET B 18 -22.20 -9.39 2.27
C MET B 18 -22.75 -10.70 1.70
N GLU B 19 -22.38 -10.99 0.45
CA GLU B 19 -22.77 -12.21 -0.23
C GLU B 19 -21.64 -13.21 -0.39
N ARG B 20 -20.50 -12.76 -0.92
CA ARG B 20 -19.33 -13.62 -1.04
C ARG B 20 -18.55 -13.76 0.27
N HIS B 21 -18.84 -12.93 1.26
CA HIS B 21 -18.18 -13.01 2.55
C HIS B 21 -19.22 -12.87 3.65
N HIS B 22 -19.01 -13.60 4.74
CA HIS B 22 -19.87 -13.46 5.91
C HIS B 22 -19.32 -12.46 6.92
N PHE B 23 -18.01 -12.21 6.92
CA PHE B 23 -17.39 -11.31 7.89
C PHE B 23 -16.87 -10.06 7.18
N LEU B 24 -16.92 -8.94 7.90
CA LEU B 24 -16.29 -7.72 7.40
C LEU B 24 -14.78 -7.89 7.32
N GLY B 25 -14.20 -8.54 8.32
CA GLY B 25 -12.76 -8.75 8.37
C GLY B 25 -12.04 -7.49 8.80
N ILE B 26 -12.52 -6.88 9.88
CA ILE B 26 -11.95 -5.64 10.40
C ILE B 26 -11.83 -5.76 11.91
N SER B 27 -10.83 -5.08 12.45
CA SER B 27 -10.69 -4.88 13.89
C SER B 27 -10.90 -3.41 14.21
N ILE B 28 -11.57 -3.13 15.32
CA ILE B 28 -11.84 -1.76 15.72
C ILE B 28 -11.11 -1.48 17.03
N VAL B 29 -10.76 -0.23 17.24
CA VAL B 29 -10.02 0.17 18.42
C VAL B 29 -10.47 1.57 18.84
N GLY B 30 -10.59 1.78 20.16
CA GLY B 30 -10.94 3.08 20.68
C GLY B 30 -9.71 3.98 20.77
N GLN B 31 -9.84 5.22 20.30
CA GLN B 31 -8.76 6.18 20.38
C GLN B 31 -9.29 7.51 20.89
N SER B 32 -8.49 8.15 21.74
CA SER B 32 -8.82 9.46 22.30
C SER B 32 -7.74 10.45 21.92
N ASN B 33 -8.14 11.69 21.66
CA ASN B 33 -7.20 12.75 21.33
C ASN B 33 -7.11 13.76 22.46
N ASP B 34 -6.20 14.72 22.30
CA ASP B 34 -5.96 15.72 23.32
C ASP B 34 -6.99 16.83 23.34
N ARG B 35 -7.97 16.81 22.44
CA ARG B 35 -9.03 17.81 22.42
C ARG B 35 -10.24 17.43 23.26
N GLY B 36 -10.30 16.20 23.77
CA GLY B 36 -11.40 15.74 24.58
C GLY B 36 -12.30 14.72 23.93
N ASP B 37 -12.28 14.62 22.60
CA ASP B 37 -13.20 13.76 21.86
C ASP B 37 -12.52 12.48 21.42
N GLY B 38 -13.11 11.34 21.80
CA GLY B 38 -12.68 10.05 21.35
C GLY B 38 -13.55 9.50 20.22
N GLY B 39 -13.35 8.22 19.92
CA GLY B 39 -14.17 7.56 18.93
C GLY B 39 -13.66 6.17 18.64
N ILE B 40 -14.48 5.43 17.89
CA ILE B 40 -14.13 4.09 17.42
C ILE B 40 -13.50 4.21 16.04
N TYR B 41 -12.35 3.57 15.85
CA TYR B 41 -11.59 3.66 14.61
C TYR B 41 -11.32 2.27 14.05
N ILE B 42 -11.18 2.21 12.72
CA ILE B 42 -10.81 0.96 12.06
C ILE B 42 -9.34 0.69 12.38
N GLY B 43 -9.09 -0.36 13.15
CA GLY B 43 -7.73 -0.73 13.49
C GLY B 43 -6.99 -1.32 12.30
N SER B 44 -7.52 -2.42 11.77
CA SER B 44 -6.93 -3.03 10.59
C SER B 44 -8.02 -3.75 9.80
N ILE B 45 -7.74 -3.95 8.53
CA ILE B 45 -8.65 -4.61 7.61
C ILE B 45 -7.95 -5.87 7.11
N MET B 46 -8.55 -7.03 7.37
CA MET B 46 -7.90 -8.28 7.01
C MET B 46 -8.04 -8.52 5.51
N LYS B 47 -7.02 -9.15 4.93
CA LYS B 47 -7.08 -9.49 3.52
C LYS B 47 -8.05 -10.66 3.31
N GLY B 48 -8.77 -10.62 2.18
CA GLY B 48 -9.73 -11.66 1.90
C GLY B 48 -11.09 -11.46 2.52
N GLY B 49 -11.32 -10.31 3.16
CA GLY B 49 -12.60 -10.01 3.77
C GLY B 49 -13.46 -9.12 2.89
N ALA B 50 -14.71 -8.92 3.33
CA ALA B 50 -15.64 -8.11 2.56
C ALA B 50 -15.21 -6.65 2.50
N VAL B 51 -14.71 -6.11 3.62
CA VAL B 51 -14.28 -4.72 3.63
C VAL B 51 -13.05 -4.55 2.75
N ALA B 52 -12.10 -5.49 2.83
CA ALA B 52 -10.90 -5.42 1.98
C ALA B 52 -11.26 -5.56 0.51
N ALA B 53 -12.24 -6.40 0.19
CA ALA B 53 -12.64 -6.58 -1.21
C ALA B 53 -13.17 -5.27 -1.79
N ASP B 54 -13.94 -4.51 -1.00
CA ASP B 54 -14.46 -3.25 -1.48
C ASP B 54 -13.34 -2.21 -1.64
N GLY B 55 -12.44 -2.14 -0.66
CA GLY B 55 -11.25 -1.33 -0.77
C GLY B 55 -11.40 0.14 -0.44
N ARG B 56 -12.62 0.63 -0.24
CA ARG B 56 -12.81 2.06 0.02
C ARG B 56 -12.41 2.43 1.44
N ILE B 57 -12.66 1.54 2.40
CA ILE B 57 -12.33 1.80 3.79
C ILE B 57 -10.85 1.50 4.00
N GLU B 58 -10.21 2.30 4.84
CA GLU B 58 -8.77 2.26 5.10
C GLU B 58 -8.49 2.25 6.59
N PRO B 59 -7.34 1.72 7.00
CA PRO B 59 -6.96 1.79 8.41
C PRO B 59 -6.83 3.24 8.85
N GLY B 60 -7.35 3.54 10.04
CA GLY B 60 -7.35 4.87 10.57
C GLY B 60 -8.66 5.62 10.38
N ASP B 61 -9.54 5.15 9.50
CA ASP B 61 -10.84 5.77 9.36
C ASP B 61 -11.64 5.62 10.65
N MET B 62 -12.44 6.64 10.95
CA MET B 62 -13.25 6.64 12.17
C MET B 62 -14.63 6.10 11.85
N LEU B 63 -15.12 5.19 12.69
CA LEU B 63 -16.39 4.52 12.44
C LEU B 63 -17.52 5.34 13.07
N LEU B 64 -18.34 5.96 12.21
CA LEU B 64 -19.43 6.80 12.67
C LEU B 64 -20.74 6.03 12.82
N GLN B 65 -21.08 5.19 11.85
CA GLN B 65 -22.36 4.51 11.86
C GLN B 65 -22.27 3.21 11.09
N VAL B 66 -22.90 2.17 11.63
CA VAL B 66 -23.07 0.88 10.97
C VAL B 66 -24.56 0.61 10.90
N ASN B 67 -25.09 0.50 9.68
CA ASN B 67 -26.52 0.44 9.47
C ASN B 67 -27.21 1.60 10.19
N ASP B 68 -28.10 1.28 11.13
CA ASP B 68 -28.88 2.27 11.86
C ASP B 68 -28.27 2.64 13.21
N VAL B 69 -27.09 2.14 13.53
CA VAL B 69 -26.49 2.30 14.87
C VAL B 69 -25.36 3.32 14.79
N ASN B 70 -25.43 4.34 15.63
CA ASN B 70 -24.38 5.35 15.73
C ASN B 70 -23.29 4.89 16.71
N PHE B 71 -22.04 5.10 16.30
CA PHE B 71 -20.87 4.63 17.05
C PHE B 71 -20.05 5.78 17.65
N GLU B 72 -20.55 7.01 17.59
CA GLU B 72 -19.69 8.16 17.89
C GLU B 72 -19.35 8.26 19.38
N ASN B 73 -20.31 7.95 20.25
CA ASN B 73 -20.13 8.08 21.69
C ASN B 73 -20.25 6.74 22.39
N MET B 74 -19.81 5.67 21.70
CA MET B 74 -20.02 4.31 22.13
C MET B 74 -18.69 3.76 22.66
N SER B 75 -18.76 3.02 23.77
CA SER B 75 -17.57 2.40 24.33
C SER B 75 -17.07 1.29 23.42
N ASN B 76 -15.81 0.93 23.60
CA ASN B 76 -15.22 -0.14 22.78
C ASN B 76 -15.94 -1.47 22.99
N ASP B 77 -16.38 -1.74 24.23
CA ASP B 77 -17.09 -2.99 24.49
C ASP B 77 -18.46 -2.99 23.84
N ASP B 78 -19.21 -1.90 23.98
CA ASP B 78 -20.51 -1.79 23.33
C ASP B 78 -20.38 -1.92 21.82
N ALA B 79 -19.39 -1.24 21.23
CA ALA B 79 -19.23 -1.24 19.79
C ALA B 79 -18.94 -2.63 19.24
N VAL B 80 -18.15 -3.42 19.97
CA VAL B 80 -17.80 -4.76 19.49
C VAL B 80 -19.02 -5.67 19.49
N ARG B 81 -19.85 -5.59 20.52
CA ARG B 81 -21.07 -6.40 20.55
C ARG B 81 -22.03 -5.99 19.45
N VAL B 82 -22.21 -4.68 19.23
CA VAL B 82 -23.10 -4.21 18.18
C VAL B 82 -22.62 -4.68 16.82
N LEU B 83 -21.31 -4.62 16.58
CA LEU B 83 -20.76 -5.09 15.32
C LEU B 83 -21.02 -6.58 15.14
N ARG B 84 -20.78 -7.37 16.18
CA ARG B 84 -21.02 -8.81 16.09
C ARG B 84 -22.51 -9.10 15.90
N GLU B 85 -23.38 -8.33 16.56
CA GLU B 85 -24.81 -8.55 16.38
C GLU B 85 -25.25 -8.21 14.96
N ILE B 86 -24.75 -7.09 14.42
CA ILE B 86 -25.12 -6.69 13.07
C ILE B 86 -24.50 -7.61 12.03
N VAL B 87 -23.24 -8.01 12.23
CA VAL B 87 -22.55 -8.87 11.26
C VAL B 87 -23.22 -10.24 11.17
N SER B 88 -23.80 -10.71 12.28
CA SER B 88 -24.47 -12.01 12.29
C SER B 88 -25.67 -12.06 11.36
N GLN B 89 -26.25 -10.90 11.04
CA GLN B 89 -27.38 -10.85 10.13
C GLN B 89 -26.92 -10.99 8.68
N THR B 90 -27.72 -11.69 7.88
CA THR B 90 -27.44 -11.74 6.46
C THR B 90 -27.98 -10.49 5.79
N GLY B 91 -27.46 -10.22 4.60
CA GLY B 91 -27.90 -9.06 3.87
C GLY B 91 -26.83 -7.99 3.88
N PRO B 92 -27.13 -6.85 3.30
CA PRO B 92 -26.11 -5.80 3.17
C PRO B 92 -25.80 -5.12 4.49
N ILE B 93 -24.58 -4.59 4.58
CA ILE B 93 -24.11 -3.84 5.73
C ILE B 93 -23.56 -2.51 5.23
N SER B 94 -24.07 -1.42 5.79
CA SER B 94 -23.62 -0.08 5.42
C SER B 94 -22.78 0.51 6.54
N LEU B 95 -21.58 0.97 6.18
CA LEU B 95 -20.65 1.59 7.12
C LEU B 95 -20.42 3.04 6.72
N THR B 96 -20.56 3.94 7.68
CA THR B 96 -20.31 5.37 7.47
C THR B 96 -19.06 5.75 8.25
N VAL B 97 -18.02 6.19 7.53
CA VAL B 97 -16.73 6.47 8.13
C VAL B 97 -16.32 7.90 7.80
N ALA B 98 -15.41 8.43 8.62
CA ALA B 98 -14.73 9.69 8.36
C ALA B 98 -13.28 9.39 8.02
N LYS B 99 -12.84 9.83 6.84
CA LYS B 99 -11.52 9.48 6.34
C LYS B 99 -10.43 10.19 7.14
N ASN C 10 16.50 4.14 19.30
CA ASN C 10 16.00 5.17 18.41
C ASN C 10 15.04 6.11 19.13
N ILE C 11 15.59 6.96 19.98
CA ILE C 11 14.82 7.89 20.80
C ILE C 11 14.89 9.28 20.18
N VAL C 12 13.77 9.98 20.15
CA VAL C 12 13.69 11.33 19.60
C VAL C 12 12.89 12.19 20.56
N THR C 13 13.48 13.31 20.97
CA THR C 13 12.83 14.28 21.84
C THR C 13 12.44 15.51 21.02
N VAL C 14 11.17 15.87 21.07
CA VAL C 14 10.64 17.02 20.33
C VAL C 14 10.15 18.04 21.35
N THR C 15 10.62 19.28 21.19
CA THR C 15 10.21 20.38 22.06
C THR C 15 9.33 21.33 21.26
N LEU C 16 8.08 21.48 21.68
CA LEU C 16 7.11 22.33 21.00
C LEU C 16 6.88 23.59 21.82
N ASN C 17 6.96 24.74 21.16
CA ASN C 17 6.80 26.02 21.86
C ASN C 17 5.35 26.21 22.34
N MET C 18 4.39 25.65 21.62
CA MET C 18 2.97 25.79 21.94
C MET C 18 2.58 27.27 21.95
N GLU C 19 3.01 27.99 20.93
CA GLU C 19 2.71 29.40 20.74
C GLU C 19 1.71 29.62 19.61
N ARG C 20 1.96 29.03 18.44
CA ARG C 20 1.02 29.10 17.33
C ARG C 20 -0.12 28.10 17.47
N HIS C 21 0.00 27.12 18.36
CA HIS C 21 -1.01 26.11 18.59
C HIS C 21 -1.19 25.91 20.08
N HIS C 22 -2.43 25.68 20.52
CA HIS C 22 -2.67 25.32 21.91
C HIS C 22 -2.77 23.81 22.11
N PHE C 23 -3.06 23.05 21.05
CA PHE C 23 -3.21 21.60 21.14
C PHE C 23 -2.07 20.91 20.40
N LEU C 24 -1.66 19.75 20.93
CA LEU C 24 -0.69 18.91 20.22
C LEU C 24 -1.28 18.36 18.93
N GLY C 25 -2.54 17.94 18.97
CA GLY C 25 -3.20 17.38 17.80
C GLY C 25 -2.82 15.93 17.52
N ILE C 26 -2.89 15.08 18.54
CA ILE C 26 -2.55 13.68 18.43
C ILE C 26 -3.61 12.85 19.11
N SER C 27 -3.83 11.63 18.60
CA SER C 27 -4.63 10.63 19.26
C SER C 27 -3.74 9.50 19.74
N ILE C 28 -4.02 8.99 20.94
CA ILE C 28 -3.22 7.93 21.54
C ILE C 28 -4.07 6.70 21.76
N VAL C 29 -3.40 5.55 21.82
CA VAL C 29 -4.05 4.25 21.98
C VAL C 29 -3.18 3.41 22.90
N GLY C 30 -3.81 2.64 23.79
CA GLY C 30 -3.07 1.76 24.67
C GLY C 30 -2.70 0.46 23.95
N GLN C 31 -1.41 0.15 23.96
CA GLN C 31 -0.88 -1.05 23.34
C GLN C 31 0.23 -1.61 24.22
N SER C 32 0.40 -2.93 24.19
CA SER C 32 1.41 -3.61 24.98
C SER C 32 2.45 -4.20 24.03
N ASN C 33 3.71 -4.15 24.44
CA ASN C 33 4.83 -4.52 23.60
C ASN C 33 5.59 -5.70 24.21
N ASP C 34 6.60 -6.17 23.47
CA ASP C 34 7.38 -7.34 23.89
C ASP C 34 8.35 -7.06 25.02
N ARG C 35 8.42 -5.82 25.51
CA ARG C 35 9.23 -5.49 26.67
C ARG C 35 8.48 -5.66 27.98
N GLY C 36 7.20 -6.03 27.94
CA GLY C 36 6.43 -6.38 29.10
C GLY C 36 5.47 -5.30 29.58
N ASP C 37 5.74 -4.04 29.26
CA ASP C 37 4.92 -2.96 29.77
C ASP C 37 3.74 -2.67 28.84
N GLY C 38 2.80 -1.89 29.36
CA GLY C 38 1.71 -1.37 28.57
C GLY C 38 2.02 0.06 28.20
N GLY C 39 2.48 0.30 26.97
CA GLY C 39 2.91 1.61 26.55
C GLY C 39 1.81 2.41 25.87
N ILE C 40 2.15 3.66 25.54
CA ILE C 40 1.25 4.58 24.86
C ILE C 40 1.83 4.88 23.49
N TYR C 41 1.00 4.76 22.45
CA TYR C 41 1.45 4.91 21.08
C TYR C 41 0.60 5.96 20.38
N ILE C 42 1.21 6.65 19.42
CA ILE C 42 0.51 7.65 18.61
C ILE C 42 -0.43 6.94 17.64
N GLY C 43 -1.73 7.12 17.83
CA GLY C 43 -2.72 6.55 16.94
C GLY C 43 -2.78 7.27 15.61
N SER C 44 -3.07 8.58 15.64
CA SER C 44 -3.09 9.39 14.43
C SER C 44 -2.76 10.82 14.80
N ILE C 45 -2.35 11.59 13.79
CA ILE C 45 -1.97 12.99 13.96
C ILE C 45 -2.94 13.85 13.14
N MET C 46 -3.68 14.71 13.83
CA MET C 46 -4.69 15.55 13.21
C MET C 46 -4.07 16.77 12.53
N LYS C 47 -4.74 17.25 11.48
CA LYS C 47 -4.26 18.47 10.82
C LYS C 47 -4.47 19.68 11.72
N GLY C 48 -3.54 20.65 11.59
CA GLY C 48 -3.64 21.89 12.32
C GLY C 48 -3.09 21.88 13.72
N GLY C 49 -2.43 20.81 14.14
CA GLY C 49 -1.86 20.74 15.47
C GLY C 49 -0.38 21.07 15.52
N ALA C 50 0.13 21.22 16.74
CA ALA C 50 1.53 21.55 16.94
C ALA C 50 2.43 20.39 16.52
N VAL C 51 2.01 19.16 16.81
CA VAL C 51 2.81 18.00 16.46
C VAL C 51 2.91 17.86 14.95
N ALA C 52 1.81 18.11 14.24
CA ALA C 52 1.83 18.04 12.78
C ALA C 52 2.76 19.10 12.20
N ALA C 53 2.79 20.29 12.79
CA ALA C 53 3.68 21.35 12.31
C ALA C 53 5.14 20.93 12.45
N ASP C 54 5.50 20.29 13.56
CA ASP C 54 6.88 19.87 13.75
C ASP C 54 7.26 18.74 12.81
N GLY C 55 6.38 17.75 12.64
CA GLY C 55 6.55 16.73 11.64
C GLY C 55 7.48 15.58 12.01
N ARG C 56 8.18 15.67 13.14
CA ARG C 56 9.13 14.61 13.51
C ARG C 56 8.42 13.38 14.05
N ILE C 57 7.34 13.56 14.81
CA ILE C 57 6.59 12.44 15.37
C ILE C 57 5.62 11.92 14.31
N GLU C 58 5.47 10.61 14.25
CA GLU C 58 4.68 9.94 13.22
C GLU C 58 3.78 8.90 13.87
N PRO C 59 2.70 8.50 13.19
CA PRO C 59 1.83 7.45 13.73
C PRO C 59 2.59 6.14 13.97
N GLY C 60 2.30 5.51 15.10
CA GLY C 60 2.96 4.29 15.51
C GLY C 60 4.09 4.49 16.49
N ASP C 61 4.60 5.71 16.60
CA ASP C 61 5.64 6.01 17.57
C ASP C 61 5.13 5.81 19.00
N MET C 62 6.04 5.40 19.89
CA MET C 62 5.71 5.16 21.29
C MET C 62 5.98 6.41 22.10
N LEU C 63 5.01 6.79 22.93
CA LEU C 63 5.14 7.98 23.76
C LEU C 63 5.73 7.54 25.09
N LEU C 64 7.00 7.90 25.33
CA LEU C 64 7.69 7.51 26.55
C LEU C 64 7.53 8.54 27.65
N GLN C 65 7.66 9.82 27.32
CA GLN C 65 7.60 10.89 28.30
C GLN C 65 7.10 12.15 27.61
N VAL C 66 6.19 12.86 28.27
CA VAL C 66 5.76 14.18 27.85
C VAL C 66 5.97 15.09 29.04
N ASN C 67 6.79 16.14 28.84
CA ASN C 67 7.31 16.97 29.92
C ASN C 67 7.94 16.08 30.99
N ASP C 68 7.47 16.18 32.23
CA ASP C 68 8.05 15.43 33.34
C ASP C 68 7.29 14.15 33.68
N VAL C 69 6.31 13.76 32.88
CA VAL C 69 5.45 12.63 33.19
C VAL C 69 5.89 11.45 32.31
N ASN C 70 6.21 10.33 32.94
CA ASN C 70 6.61 9.12 32.25
C ASN C 70 5.38 8.31 31.86
N PHE C 71 5.37 7.81 30.63
CA PHE C 71 4.24 7.11 30.05
C PHE C 71 4.50 5.62 29.80
N GLU C 72 5.62 5.08 30.30
CA GLU C 72 6.05 3.74 29.88
C GLU C 72 5.14 2.64 30.43
N ASN C 73 4.64 2.80 31.65
CA ASN C 73 3.85 1.77 32.32
C ASN C 73 2.44 2.26 32.56
N MET C 74 1.93 3.08 31.65
CA MET C 74 0.69 3.82 31.85
C MET C 74 -0.41 3.21 30.99
N SER C 75 -1.59 3.06 31.58
CA SER C 75 -2.76 2.57 30.85
C SER C 75 -3.25 3.63 29.86
N ASN C 76 -4.06 3.17 28.90
CA ASN C 76 -4.63 4.08 27.91
C ASN C 76 -5.51 5.13 28.57
N ASP C 77 -6.18 4.78 29.66
CA ASP C 77 -7.03 5.74 30.37
C ASP C 77 -6.19 6.80 31.07
N ASP C 78 -5.14 6.37 31.78
CA ASP C 78 -4.25 7.31 32.45
C ASP C 78 -3.60 8.29 31.47
N ALA C 79 -3.11 7.78 30.33
CA ALA C 79 -2.39 8.64 29.39
C ALA C 79 -3.27 9.74 28.80
N VAL C 80 -4.54 9.42 28.52
CA VAL C 80 -5.41 10.41 27.88
C VAL C 80 -5.67 11.58 28.83
N ARG C 81 -5.86 11.27 30.12
CA ARG C 81 -6.08 12.32 31.10
C ARG C 81 -4.85 13.20 31.27
N VAL C 82 -3.68 12.58 31.39
CA VAL C 82 -2.46 13.36 31.59
C VAL C 82 -2.20 14.26 30.40
N LEU C 83 -2.37 13.73 29.18
CA LEU C 83 -2.13 14.54 27.99
C LEU C 83 -3.09 15.73 27.94
N ARG C 84 -4.38 15.49 28.21
CA ARG C 84 -5.36 16.58 28.22
C ARG C 84 -5.07 17.58 29.33
N GLU C 85 -4.64 17.10 30.50
CA GLU C 85 -4.32 18.01 31.59
C GLU C 85 -3.11 18.88 31.24
N ILE C 86 -2.09 18.28 30.63
CA ILE C 86 -0.89 19.02 30.27
C ILE C 86 -1.17 20.00 29.14
N VAL C 87 -1.99 19.59 28.16
CA VAL C 87 -2.31 20.47 27.03
C VAL C 87 -3.08 21.70 27.50
N SER C 88 -3.90 21.55 28.54
CA SER C 88 -4.64 22.69 29.06
C SER C 88 -3.72 23.76 29.65
N GLN C 89 -2.52 23.39 30.07
CA GLN C 89 -1.55 24.35 30.60
C GLN C 89 -0.87 25.10 29.46
N THR C 90 -0.57 26.37 29.72
CA THR C 90 0.21 27.14 28.77
C THR C 90 1.69 26.82 28.91
N GLY C 91 2.46 27.11 27.86
CA GLY C 91 3.88 26.91 27.88
C GLY C 91 4.33 25.77 26.99
N PRO C 92 5.64 25.49 26.98
CA PRO C 92 6.17 24.47 26.06
C PRO C 92 5.84 23.05 26.51
N ILE C 93 5.82 22.16 25.53
CA ILE C 93 5.57 20.73 25.75
C ILE C 93 6.70 19.95 25.07
N SER C 94 7.37 19.11 25.84
CA SER C 94 8.44 18.25 25.31
C SER C 94 7.95 16.81 25.28
N LEU C 95 8.06 16.15 24.13
CA LEU C 95 7.65 14.77 23.96
C LEU C 95 8.86 13.92 23.63
N THR C 96 9.03 12.82 24.35
CA THR C 96 10.11 11.86 24.13
C THR C 96 9.50 10.58 23.59
N VAL C 97 9.86 10.21 22.36
CA VAL C 97 9.25 9.09 21.68
C VAL C 97 10.32 8.10 21.21
N ALA C 98 9.87 6.87 20.96
CA ALA C 98 10.66 5.85 20.27
C ALA C 98 10.06 5.65 18.89
N LYS C 99 10.87 5.81 17.85
CA LYS C 99 10.37 5.80 16.49
C LYS C 99 9.94 4.42 16.04
N ALA C 100 8.93 4.39 15.17
CA ALA C 100 8.45 3.16 14.55
C ALA C 100 8.95 3.08 13.11
N ASN D 10 6.08 19.94 -0.14
CA ASN D 10 6.46 18.74 0.59
C ASN D 10 7.85 18.29 0.13
N ILE D 11 8.89 19.01 0.53
CA ILE D 11 10.25 18.74 0.08
C ILE D 11 11.00 18.02 1.18
N VAL D 12 11.75 16.97 0.79
CA VAL D 12 12.54 16.17 1.72
C VAL D 12 13.89 15.91 1.08
N THR D 13 14.96 16.21 1.80
CA THR D 13 16.32 15.92 1.35
C THR D 13 16.85 14.73 2.13
N VAL D 14 17.27 13.69 1.40
CA VAL D 14 17.78 12.46 1.99
C VAL D 14 19.24 12.33 1.59
N THR D 15 20.10 12.12 2.59
CA THR D 15 21.54 11.95 2.38
C THR D 15 21.90 10.50 2.69
N LEU D 16 22.40 9.79 1.68
CA LEU D 16 22.80 8.40 1.83
C LEU D 16 24.31 8.31 1.85
N ASN D 17 24.85 7.60 2.84
CA ASN D 17 26.30 7.48 2.95
C ASN D 17 26.90 6.64 1.84
N MET D 18 26.14 5.67 1.33
CA MET D 18 26.59 4.76 0.27
C MET D 18 27.84 3.99 0.70
N GLU D 19 27.81 3.46 1.93
CA GLU D 19 28.87 2.63 2.48
C GLU D 19 28.46 1.17 2.55
N ARG D 20 27.28 0.89 3.08
CA ARG D 20 26.78 -0.48 3.16
C ARG D 20 26.29 -0.98 1.81
N HIS D 21 26.05 -0.09 0.85
CA HIS D 21 25.55 -0.43 -0.47
C HIS D 21 26.29 0.38 -1.52
N HIS D 22 26.48 -0.21 -2.70
CA HIS D 22 27.06 0.52 -3.83
C HIS D 22 26.01 1.16 -4.72
N PHE D 23 24.80 0.62 -4.73
CA PHE D 23 23.73 1.09 -5.60
C PHE D 23 22.61 1.72 -4.79
N LEU D 24 21.96 2.72 -5.38
CA LEU D 24 20.75 3.26 -4.79
C LEU D 24 19.65 2.19 -4.77
N GLY D 25 19.52 1.43 -5.85
CA GLY D 25 18.51 0.41 -5.95
C GLY D 25 17.14 0.97 -6.23
N ILE D 26 17.06 1.85 -7.24
CA ILE D 26 15.82 2.50 -7.61
C ILE D 26 15.67 2.45 -9.12
N SER D 27 14.42 2.44 -9.57
CA SER D 27 14.08 2.66 -10.96
C SER D 27 13.38 4.00 -11.07
N ILE D 28 13.69 4.74 -12.13
CA ILE D 28 13.09 6.04 -12.34
C ILE D 28 12.29 5.99 -13.62
N VAL D 29 11.28 6.85 -13.71
CA VAL D 29 10.41 6.91 -14.88
C VAL D 29 10.04 8.36 -15.13
N GLY D 30 10.05 8.74 -16.40
CA GLY D 30 9.63 10.07 -16.78
C GLY D 30 8.13 10.14 -16.92
N GLN D 31 7.51 11.10 -16.24
CA GLN D 31 6.08 11.31 -16.35
C GLN D 31 5.84 12.80 -16.49
N SER D 32 4.87 13.14 -17.33
CA SER D 32 4.50 14.53 -17.56
C SER D 32 3.06 14.74 -17.15
N ASN D 33 2.75 15.99 -16.84
CA ASN D 33 1.42 16.37 -16.40
C ASN D 33 0.76 17.26 -17.44
N ASP D 34 -0.54 17.51 -17.24
CA ASP D 34 -1.27 18.39 -18.15
C ASP D 34 -0.83 19.84 -18.03
N ARG D 35 -0.10 20.19 -16.95
CA ARG D 35 0.34 21.57 -16.77
C ARG D 35 1.37 21.98 -17.82
N GLY D 36 2.23 21.06 -18.23
CA GLY D 36 3.24 21.34 -19.23
C GLY D 36 4.66 21.01 -18.83
N ASP D 37 4.94 20.74 -17.56
CA ASP D 37 6.29 20.41 -17.13
C ASP D 37 6.54 18.91 -17.13
N GLY D 38 7.83 18.55 -17.11
CA GLY D 38 8.29 17.19 -16.97
C GLY D 38 8.75 16.88 -15.56
N GLY D 39 8.89 15.60 -15.23
CA GLY D 39 9.41 15.21 -13.93
C GLY D 39 9.95 13.80 -13.95
N ILE D 40 10.93 13.55 -13.08
CA ILE D 40 11.45 12.21 -12.86
C ILE D 40 10.83 11.67 -11.58
N TYR D 41 10.30 10.45 -11.64
CA TYR D 41 9.58 9.86 -10.52
C TYR D 41 10.20 8.52 -10.15
N ILE D 42 10.10 8.18 -8.85
CA ILE D 42 10.55 6.88 -8.36
C ILE D 42 9.53 5.83 -8.80
N GLY D 43 9.94 4.92 -9.69
CA GLY D 43 9.07 3.84 -10.11
C GLY D 43 8.89 2.80 -9.04
N SER D 44 10.00 2.18 -8.62
CA SER D 44 9.97 1.20 -7.54
C SER D 44 11.32 1.20 -6.85
N ILE D 45 11.34 0.70 -5.63
CA ILE D 45 12.55 0.66 -4.80
C ILE D 45 12.89 -0.80 -4.55
N MET D 46 14.08 -1.20 -5.01
CA MET D 46 14.50 -2.59 -4.94
C MET D 46 14.96 -2.94 -3.53
N LYS D 47 14.74 -4.20 -3.14
CA LYS D 47 15.24 -4.67 -1.85
C LYS D 47 16.75 -4.84 -1.90
N GLY D 48 17.40 -4.58 -0.78
CA GLY D 48 18.84 -4.71 -0.67
C GLY D 48 19.62 -3.51 -1.14
N GLY D 49 18.94 -2.41 -1.49
CA GLY D 49 19.60 -1.20 -1.93
C GLY D 49 19.70 -0.18 -0.82
N ALA D 50 20.46 0.88 -1.10
CA ALA D 50 20.66 1.94 -0.12
C ALA D 50 19.38 2.71 0.14
N VAL D 51 18.60 2.99 -0.91
CA VAL D 51 17.37 3.75 -0.74
C VAL D 51 16.35 2.95 0.07
N ALA D 52 16.23 1.64 -0.20
CA ALA D 52 15.32 0.80 0.57
C ALA D 52 15.75 0.72 2.03
N ALA D 53 17.06 0.66 2.28
CA ALA D 53 17.54 0.60 3.66
C ALA D 53 17.18 1.87 4.42
N ASP D 54 17.30 3.03 3.76
CA ASP D 54 16.96 4.29 4.42
C ASP D 54 15.46 4.41 4.64
N GLY D 55 14.66 4.06 3.64
CA GLY D 55 13.22 3.98 3.80
C GLY D 55 12.44 5.28 3.70
N ARG D 56 13.12 6.43 3.64
CA ARG D 56 12.39 7.70 3.60
C ARG D 56 11.80 7.97 2.22
N ILE D 57 12.51 7.60 1.16
CA ILE D 57 12.02 7.81 -0.20
C ILE D 57 11.05 6.68 -0.54
N GLU D 58 10.01 7.01 -1.29
CA GLU D 58 8.92 6.10 -1.59
C GLU D 58 8.63 6.10 -3.08
N PRO D 59 8.02 5.03 -3.59
CA PRO D 59 7.59 5.03 -5.00
C PRO D 59 6.56 6.14 -5.24
N GLY D 60 6.73 6.83 -6.36
CA GLY D 60 5.86 7.93 -6.71
C GLY D 60 6.41 9.29 -6.36
N ASP D 61 7.39 9.36 -5.46
CA ASP D 61 8.03 10.62 -5.14
C ASP D 61 8.74 11.17 -6.37
N MET D 62 8.75 12.49 -6.51
CA MET D 62 9.37 13.13 -7.66
C MET D 62 10.81 13.49 -7.33
N LEU D 63 11.72 13.17 -8.25
CA LEU D 63 13.15 13.38 -8.03
C LEU D 63 13.52 14.77 -8.54
N LEU D 64 13.86 15.67 -7.60
CA LEU D 64 14.17 17.05 -7.94
C LEU D 64 15.66 17.26 -8.20
N GLN D 65 16.52 16.71 -7.33
CA GLN D 65 17.95 16.92 -7.46
C GLN D 65 18.67 15.74 -6.84
N VAL D 66 19.72 15.28 -7.52
CA VAL D 66 20.60 14.24 -7.01
C VAL D 66 22.01 14.80 -7.04
N ASN D 67 22.62 14.92 -5.86
CA ASN D 67 23.90 15.61 -5.70
C ASN D 67 23.84 16.98 -6.38
N ASP D 68 24.70 17.20 -7.38
CA ASP D 68 24.79 18.51 -8.00
C ASP D 68 23.95 18.65 -9.27
N VAL D 69 23.16 17.64 -9.63
CA VAL D 69 22.43 17.62 -10.89
C VAL D 69 20.94 17.80 -10.63
N ASN D 70 20.34 18.79 -11.31
CA ASN D 70 18.90 19.03 -11.24
C ASN D 70 18.18 18.15 -12.24
N PHE D 71 17.05 17.57 -11.80
CA PHE D 71 16.30 16.59 -12.60
C PHE D 71 14.98 17.13 -13.11
N GLU D 72 14.69 18.42 -12.90
CA GLU D 72 13.36 18.94 -13.23
C GLU D 72 13.17 19.07 -14.73
N ASN D 73 14.24 19.41 -15.46
CA ASN D 73 14.17 19.74 -16.87
C ASN D 73 14.91 18.70 -17.71
N MET D 74 14.94 17.46 -17.22
CA MET D 74 15.80 16.41 -17.76
C MET D 74 15.01 15.31 -18.47
N SER D 75 15.54 14.86 -19.60
CA SER D 75 14.97 13.73 -20.31
C SER D 75 15.22 12.43 -19.54
N ASN D 76 14.44 11.40 -19.87
CA ASN D 76 14.61 10.11 -19.21
C ASN D 76 15.99 9.52 -19.45
N ASP D 77 16.55 9.76 -20.65
CA ASP D 77 17.86 9.19 -20.97
C ASP D 77 18.96 9.88 -20.17
N ASP D 78 18.95 11.21 -20.11
CA ASP D 78 19.93 11.94 -19.31
C ASP D 78 19.84 11.55 -17.84
N ALA D 79 18.62 11.42 -17.31
CA ALA D 79 18.49 11.11 -15.88
C ALA D 79 19.12 9.77 -15.55
N VAL D 80 18.99 8.79 -16.45
CA VAL D 80 19.60 7.49 -16.24
C VAL D 80 21.12 7.59 -16.33
N ARG D 81 21.61 8.40 -17.26
CA ARG D 81 23.04 8.59 -17.41
C ARG D 81 23.64 9.22 -16.16
N VAL D 82 22.99 10.25 -15.62
CA VAL D 82 23.47 10.91 -14.41
C VAL D 82 23.43 9.97 -13.22
N LEU D 83 22.34 9.22 -13.08
CA LEU D 83 22.20 8.33 -11.92
C LEU D 83 23.27 7.25 -11.90
N ARG D 84 23.53 6.62 -13.04
CA ARG D 84 24.59 5.61 -13.05
C ARG D 84 25.95 6.23 -12.81
N GLU D 85 26.18 7.43 -13.36
CA GLU D 85 27.46 8.10 -13.15
C GLU D 85 27.67 8.44 -11.68
N ILE D 86 26.61 8.91 -11.01
CA ILE D 86 26.74 9.23 -9.59
C ILE D 86 26.95 7.97 -8.78
N VAL D 87 26.25 6.89 -9.13
CA VAL D 87 26.41 5.63 -8.41
C VAL D 87 27.81 5.07 -8.62
N SER D 88 28.37 5.25 -9.82
CA SER D 88 29.72 4.75 -10.09
C SER D 88 30.77 5.50 -9.29
N GLN D 89 30.50 6.75 -8.93
CA GLN D 89 31.42 7.53 -8.12
C GLN D 89 31.28 7.14 -6.66
N THR D 90 32.40 7.14 -5.95
CA THR D 90 32.37 6.85 -4.53
C THR D 90 31.91 8.07 -3.73
N GLY D 91 31.44 7.82 -2.52
CA GLY D 91 31.02 8.87 -1.62
C GLY D 91 29.52 8.95 -1.43
N PRO D 92 29.09 9.93 -0.64
CA PRO D 92 27.67 10.04 -0.30
C PRO D 92 26.83 10.57 -1.46
N ILE D 93 25.54 10.28 -1.40
CA ILE D 93 24.57 10.72 -2.39
C ILE D 93 23.42 11.42 -1.67
N SER D 94 23.13 12.65 -2.07
CA SER D 94 22.03 13.42 -1.53
C SER D 94 20.91 13.50 -2.56
N LEU D 95 19.71 13.11 -2.15
CA LEU D 95 18.54 13.14 -3.03
C LEU D 95 17.50 14.09 -2.44
N THR D 96 17.00 15.00 -3.27
CA THR D 96 15.96 15.94 -2.88
C THR D 96 14.68 15.58 -3.62
N VAL D 97 13.64 15.22 -2.87
CA VAL D 97 12.41 14.74 -3.45
C VAL D 97 11.25 15.58 -2.96
N ALA D 98 10.16 15.53 -3.71
CA ALA D 98 8.87 16.07 -3.29
C ALA D 98 7.94 14.90 -3.01
N LYS D 99 7.43 14.83 -1.79
CA LYS D 99 6.68 13.65 -1.37
C LYS D 99 5.33 13.60 -2.07
N ALA D 100 4.93 12.40 -2.49
CA ALA D 100 3.65 12.20 -3.14
C ALA D 100 2.51 12.38 -2.15
N ASN E 10 18.57 -10.26 -4.26
CA ASN E 10 17.24 -10.74 -3.90
C ASN E 10 16.50 -11.24 -5.12
N ILE E 11 16.89 -12.41 -5.62
CA ILE E 11 16.34 -12.99 -6.84
C ILE E 11 15.36 -14.10 -6.49
N VAL E 12 14.24 -14.14 -7.20
CA VAL E 12 13.20 -15.15 -6.99
C VAL E 12 12.77 -15.66 -8.36
N THR E 13 12.83 -16.98 -8.54
CA THR E 13 12.39 -17.63 -9.77
C THR E 13 11.06 -18.32 -9.51
N VAL E 14 10.05 -17.98 -10.29
CA VAL E 14 8.71 -18.55 -10.16
C VAL E 14 8.40 -19.33 -11.43
N THR E 15 8.04 -20.59 -11.28
CA THR E 15 7.67 -21.46 -12.40
C THR E 15 6.18 -21.74 -12.33
N LEU E 16 5.45 -21.34 -13.37
CA LEU E 16 4.01 -21.51 -13.43
C LEU E 16 3.66 -22.63 -14.40
N ASN E 17 2.80 -23.56 -13.95
CA ASN E 17 2.43 -24.70 -14.78
C ASN E 17 1.61 -24.28 -15.98
N MET E 18 0.84 -23.19 -15.85
CA MET E 18 -0.04 -22.70 -16.92
C MET E 18 -1.05 -23.77 -17.33
N GLU E 19 -1.65 -24.40 -16.32
CA GLU E 19 -2.67 -25.42 -16.50
C GLU E 19 -4.05 -24.91 -16.15
N ARG E 20 -4.20 -24.30 -14.96
CA ARG E 20 -5.46 -23.71 -14.54
C ARG E 20 -5.70 -22.34 -15.15
N HIS E 21 -4.69 -21.72 -15.73
CA HIS E 21 -4.81 -20.41 -16.34
C HIS E 21 -4.08 -20.40 -17.67
N HIS E 22 -4.61 -19.64 -18.62
CA HIS E 22 -3.91 -19.43 -19.88
C HIS E 22 -3.06 -18.17 -19.88
N PHE E 23 -3.35 -17.20 -19.04
CA PHE E 23 -2.65 -15.92 -19.02
C PHE E 23 -1.86 -15.76 -17.72
N LEU E 24 -0.72 -15.06 -17.83
CA LEU E 24 0.02 -14.68 -16.64
C LEU E 24 -0.78 -13.69 -15.81
N GLY E 25 -1.45 -12.74 -16.46
CA GLY E 25 -2.25 -11.75 -15.77
C GLY E 25 -1.41 -10.65 -15.15
N ILE E 26 -0.51 -10.06 -15.93
CA ILE E 26 0.38 -9.01 -15.45
C ILE E 26 0.41 -7.89 -16.48
N SER E 27 0.61 -6.67 -15.99
CA SER E 27 0.92 -5.53 -16.84
C SER E 27 2.35 -5.09 -16.56
N ILE E 28 3.07 -4.73 -17.63
CA ILE E 28 4.46 -4.33 -17.52
C ILE E 28 4.60 -2.89 -17.98
N VAL E 29 5.66 -2.25 -17.49
CA VAL E 29 5.95 -0.85 -17.77
C VAL E 29 7.45 -0.70 -17.93
N GLY E 30 7.88 0.11 -18.89
CA GLY E 30 9.30 0.34 -19.07
C GLY E 30 9.84 1.38 -18.12
N GLN E 31 10.85 0.98 -17.36
CA GLN E 31 11.53 1.85 -16.40
C GLN E 31 13.01 1.53 -16.42
N SER E 32 13.82 2.55 -16.17
CA SER E 32 15.27 2.40 -16.14
C SER E 32 15.78 2.66 -14.73
N ASN E 33 16.89 2.04 -14.39
CA ASN E 33 17.43 2.03 -13.03
C ASN E 33 18.85 2.60 -13.01
N ASP E 34 19.47 2.54 -11.85
CA ASP E 34 20.81 3.06 -11.63
C ASP E 34 21.91 2.03 -11.89
N ARG E 35 21.62 1.00 -12.67
CA ARG E 35 22.53 -0.13 -12.84
C ARG E 35 23.05 -0.33 -14.26
N GLY E 36 22.57 0.43 -15.23
CA GLY E 36 23.08 0.35 -16.59
C GLY E 36 22.14 -0.27 -17.60
N ASP E 37 21.00 -0.80 -17.18
CA ASP E 37 20.08 -1.48 -18.07
C ASP E 37 18.71 -0.80 -18.04
N GLY E 38 17.91 -1.11 -19.06
CA GLY E 38 16.54 -0.67 -19.14
C GLY E 38 15.57 -1.77 -18.74
N GLY E 39 15.13 -1.77 -17.48
CA GLY E 39 14.40 -2.89 -16.95
C GLY E 39 12.93 -2.92 -17.32
N ILE E 40 12.36 -4.12 -17.27
CA ILE E 40 10.92 -4.33 -17.34
C ILE E 40 10.43 -4.57 -15.93
N TYR E 41 9.37 -3.86 -15.53
CA TYR E 41 8.86 -3.93 -14.17
C TYR E 41 7.39 -4.32 -14.19
N ILE E 42 6.96 -5.00 -13.13
CA ILE E 42 5.57 -5.39 -12.95
C ILE E 42 4.76 -4.14 -12.59
N GLY E 43 3.88 -3.72 -13.50
CA GLY E 43 3.01 -2.59 -13.20
C GLY E 43 1.93 -2.97 -12.22
N SER E 44 1.12 -3.95 -12.59
CA SER E 44 0.08 -4.48 -11.71
C SER E 44 -0.18 -5.92 -12.08
N ILE E 45 -0.77 -6.66 -11.14
CA ILE E 45 -1.10 -8.07 -11.33
C ILE E 45 -2.62 -8.21 -11.22
N MET E 46 -3.26 -8.64 -12.31
CA MET E 46 -4.71 -8.75 -12.33
C MET E 46 -5.16 -10.02 -11.62
N LYS E 47 -6.36 -9.96 -11.05
CA LYS E 47 -6.94 -11.12 -10.40
C LYS E 47 -7.37 -12.16 -11.45
N GLY E 48 -7.27 -13.43 -11.07
CA GLY E 48 -7.64 -14.52 -11.95
C GLY E 48 -6.55 -14.98 -12.89
N GLY E 49 -5.33 -14.46 -12.76
CA GLY E 49 -4.22 -14.88 -13.58
C GLY E 49 -3.32 -15.87 -12.85
N ALA E 50 -2.37 -16.42 -13.62
CA ALA E 50 -1.45 -17.40 -13.04
C ALA E 50 -0.51 -16.76 -12.03
N VAL E 51 -0.04 -15.55 -12.33
CA VAL E 51 0.89 -14.87 -11.44
C VAL E 51 0.21 -14.51 -10.11
N ALA E 52 -1.03 -14.02 -10.18
CA ALA E 52 -1.76 -13.71 -8.96
C ALA E 52 -2.03 -14.95 -8.13
N ALA E 53 -2.32 -16.07 -8.80
CA ALA E 53 -2.56 -17.31 -8.08
C ALA E 53 -1.33 -17.75 -7.31
N ASP E 54 -0.15 -17.61 -7.91
CA ASP E 54 1.08 -18.00 -7.22
C ASP E 54 1.39 -17.06 -6.07
N GLY E 55 1.21 -15.76 -6.27
CA GLY E 55 1.31 -14.79 -5.21
C GLY E 55 2.71 -14.34 -4.84
N ARG E 56 3.75 -14.97 -5.39
CA ARG E 56 5.11 -14.58 -5.03
C ARG E 56 5.53 -13.28 -5.72
N ILE E 57 5.12 -13.09 -6.97
CA ILE E 57 5.48 -11.87 -7.68
C ILE E 57 4.50 -10.77 -7.29
N GLU E 58 5.02 -9.56 -7.14
CA GLU E 58 4.28 -8.40 -6.64
C GLU E 58 4.55 -7.20 -7.52
N PRO E 59 3.66 -6.20 -7.52
CA PRO E 59 3.93 -4.99 -8.29
C PRO E 59 5.20 -4.30 -7.84
N GLY E 60 5.98 -3.82 -8.81
CA GLY E 60 7.26 -3.19 -8.57
C GLY E 60 8.45 -4.09 -8.77
N ASP E 61 8.26 -5.41 -8.79
CA ASP E 61 9.35 -6.33 -9.06
C ASP E 61 9.88 -6.13 -10.47
N MET E 62 11.18 -6.32 -10.63
CA MET E 62 11.82 -6.17 -11.94
C MET E 62 11.88 -7.53 -12.63
N LEU E 63 11.48 -7.56 -13.89
CA LEU E 63 11.41 -8.80 -14.65
C LEU E 63 12.74 -9.00 -15.35
N LEU E 64 13.50 -10.01 -14.91
CA LEU E 64 14.83 -10.29 -15.47
C LEU E 64 14.79 -11.26 -16.64
N GLN E 65 14.04 -12.35 -16.52
CA GLN E 65 14.02 -13.38 -17.54
C GLN E 65 12.68 -14.09 -17.51
N VAL E 66 12.13 -14.34 -18.70
CA VAL E 66 10.92 -15.15 -18.87
C VAL E 66 11.27 -16.27 -19.83
N ASN E 67 11.21 -17.50 -19.34
CA ASN E 67 11.71 -18.66 -20.09
C ASN E 67 13.10 -18.39 -20.63
N ASP E 68 13.26 -18.41 -21.96
CA ASP E 68 14.57 -18.29 -22.59
C ASP E 68 14.91 -16.86 -23.01
N VAL E 69 14.08 -15.88 -22.69
CA VAL E 69 14.26 -14.51 -23.15
C VAL E 69 14.69 -13.62 -21.99
N ASN E 70 15.81 -12.93 -22.15
CA ASN E 70 16.30 -11.97 -21.16
C ASN E 70 15.65 -10.60 -21.41
N PHE E 71 15.26 -9.94 -20.32
CA PHE E 71 14.50 -8.70 -20.35
C PHE E 71 15.30 -7.48 -19.91
N GLU E 72 16.62 -7.60 -19.71
CA GLU E 72 17.35 -6.53 -19.02
C GLU E 72 17.50 -5.28 -19.88
N ASN E 73 17.71 -5.43 -21.18
CA ASN E 73 17.96 -4.30 -22.07
C ASN E 73 16.87 -4.19 -23.13
N MET E 74 15.65 -4.57 -22.76
CA MET E 74 14.55 -4.74 -23.69
C MET E 74 13.54 -3.60 -23.53
N SER E 75 13.04 -3.12 -24.67
CA SER E 75 11.99 -2.11 -24.62
C SER E 75 10.69 -2.74 -24.11
N ASN E 76 9.80 -1.88 -23.62
CA ASN E 76 8.50 -2.36 -23.14
C ASN E 76 7.72 -3.00 -24.28
N ASP E 77 7.90 -2.49 -25.51
CA ASP E 77 7.18 -3.05 -26.65
C ASP E 77 7.67 -4.45 -26.97
N ASP E 78 8.99 -4.63 -27.05
CA ASP E 78 9.53 -5.97 -27.27
C ASP E 78 9.09 -6.93 -26.16
N ALA E 79 9.12 -6.47 -24.91
CA ALA E 79 8.81 -7.35 -23.78
C ALA E 79 7.37 -7.84 -23.81
N VAL E 80 6.42 -6.96 -24.15
CA VAL E 80 5.03 -7.38 -24.18
C VAL E 80 4.80 -8.37 -25.32
N ARG E 81 5.48 -8.17 -26.46
CA ARG E 81 5.37 -9.08 -27.59
C ARG E 81 5.87 -10.48 -27.22
N VAL E 82 7.03 -10.55 -26.57
CA VAL E 82 7.56 -11.84 -26.14
C VAL E 82 6.61 -12.48 -25.14
N LEU E 83 6.09 -11.67 -24.22
CA LEU E 83 5.19 -12.18 -23.18
C LEU E 83 3.93 -12.77 -23.81
N ARG E 84 3.37 -12.08 -24.81
CA ARG E 84 2.19 -12.58 -25.50
C ARG E 84 2.50 -13.86 -26.26
N GLU E 85 3.68 -13.93 -26.90
CA GLU E 85 4.04 -15.12 -27.65
C GLU E 85 4.25 -16.32 -26.73
N ILE E 86 4.87 -16.11 -25.57
CA ILE E 86 5.08 -17.21 -24.64
C ILE E 86 3.74 -17.69 -24.08
N VAL E 87 2.83 -16.75 -23.82
CA VAL E 87 1.50 -17.13 -23.32
C VAL E 87 0.77 -17.93 -24.38
N SER E 88 0.97 -17.60 -25.66
CA SER E 88 0.33 -18.36 -26.74
C SER E 88 0.89 -19.78 -26.84
N GLN E 89 2.15 -19.99 -26.45
CA GLN E 89 2.71 -21.34 -26.44
C GLN E 89 2.25 -22.08 -25.20
N THR E 90 1.99 -23.38 -25.36
CA THR E 90 1.60 -24.23 -24.24
C THR E 90 2.83 -24.63 -23.43
N GLY E 91 2.58 -25.03 -22.19
CA GLY E 91 3.64 -25.49 -21.33
C GLY E 91 3.93 -24.52 -20.20
N PRO E 92 4.94 -24.84 -19.40
CA PRO E 92 5.23 -24.03 -18.22
C PRO E 92 5.90 -22.71 -18.58
N ILE E 93 5.76 -21.75 -17.68
CA ILE E 93 6.39 -20.44 -17.80
C ILE E 93 7.15 -20.17 -16.50
N SER E 94 8.45 -19.92 -16.61
CA SER E 94 9.28 -19.59 -15.47
C SER E 94 9.67 -18.13 -15.55
N LEU E 95 9.43 -17.39 -14.47
CA LEU E 95 9.75 -15.97 -14.42
C LEU E 95 10.79 -15.74 -13.34
N THR E 96 11.86 -15.03 -13.71
CA THR E 96 12.94 -14.66 -12.79
C THR E 96 12.86 -13.16 -12.53
N VAL E 97 12.63 -12.80 -11.28
CA VAL E 97 12.41 -11.40 -10.92
C VAL E 97 13.39 -10.99 -9.84
N ALA E 98 13.57 -9.67 -9.74
CA ALA E 98 14.28 -9.06 -8.62
C ALA E 98 13.23 -8.33 -7.78
N LYS E 99 13.15 -8.70 -6.51
CA LYS E 99 12.07 -8.22 -5.66
C LYS E 99 12.24 -6.75 -5.31
N ALA E 100 11.10 -6.07 -5.14
CA ALA E 100 11.09 -4.69 -4.70
C ALA E 100 10.49 -4.59 -3.30
N ASN F 10 -21.35 15.48 13.85
CA ASN F 10 -22.77 15.17 13.99
C ASN F 10 -23.31 14.61 12.68
N ILE F 11 -22.92 13.37 12.37
CA ILE F 11 -23.26 12.72 11.11
C ILE F 11 -24.36 11.69 11.34
N VAL F 12 -25.34 11.65 10.44
CA VAL F 12 -26.46 10.73 10.51
C VAL F 12 -26.71 10.16 9.11
N THR F 13 -26.75 8.83 9.00
CA THR F 13 -27.07 8.14 7.76
C THR F 13 -28.48 7.57 7.87
N VAL F 14 -29.35 7.96 6.94
CA VAL F 14 -30.74 7.54 6.92
C VAL F 14 -31.00 6.75 5.63
N THR F 15 -31.58 5.56 5.77
CA THR F 15 -31.92 4.71 4.63
C THR F 15 -33.44 4.63 4.51
N LEU F 16 -33.96 5.04 3.36
CA LEU F 16 -35.39 5.06 3.08
C LEU F 16 -35.74 3.91 2.15
N ASN F 17 -36.78 3.14 2.51
CA ASN F 17 -37.18 1.99 1.69
C ASN F 17 -37.77 2.42 0.35
N MET F 18 -38.42 3.59 0.30
CA MET F 18 -39.04 4.09 -0.94
C MET F 18 -40.10 3.14 -1.48
N GLU F 19 -41.05 2.75 -0.62
CA GLU F 19 -42.12 1.85 -1.02
C GLU F 19 -43.47 2.53 -1.20
N ARG F 20 -43.99 3.24 -0.19
CA ARG F 20 -45.25 3.96 -0.39
C ARG F 20 -45.08 5.33 -1.03
N HIS F 21 -43.86 5.82 -1.21
CA HIS F 21 -43.63 7.11 -1.84
C HIS F 21 -42.63 6.95 -2.98
N HIS F 22 -42.88 7.73 -4.03
CA HIS F 22 -41.99 7.75 -5.18
C HIS F 22 -40.94 8.84 -5.07
N PHE F 23 -41.24 9.90 -4.34
CA PHE F 23 -40.38 11.06 -4.23
C PHE F 23 -39.90 11.23 -2.79
N LEU F 24 -38.68 11.74 -2.65
CA LEU F 24 -38.20 12.14 -1.33
C LEU F 24 -39.01 13.30 -0.78
N GLY F 25 -39.36 14.26 -1.64
CA GLY F 25 -40.12 15.42 -1.23
C GLY F 25 -39.23 16.44 -0.54
N ILE F 26 -38.09 16.74 -1.16
CA ILE F 26 -37.11 17.68 -0.61
C ILE F 26 -36.66 18.61 -1.73
N SER F 27 -36.31 19.83 -1.36
CA SER F 27 -35.62 20.76 -2.25
C SER F 27 -34.21 20.98 -1.73
N ILE F 28 -33.25 21.05 -2.65
CA ILE F 28 -31.86 21.26 -2.28
C ILE F 28 -31.40 22.58 -2.87
N VAL F 29 -30.41 23.18 -2.21
CA VAL F 29 -29.88 24.48 -2.63
C VAL F 29 -28.38 24.50 -2.35
N GLY F 30 -27.61 25.09 -3.26
CA GLY F 30 -26.19 25.24 -3.04
C GLY F 30 -25.93 26.45 -2.16
N GLN F 31 -25.20 26.23 -1.07
CA GLN F 31 -24.85 27.27 -0.12
C GLN F 31 -23.41 27.09 0.32
N SER F 32 -22.76 28.21 0.64
CA SER F 32 -21.36 28.20 1.05
C SER F 32 -21.25 28.60 2.51
N ASN F 33 -20.25 28.01 3.17
CA ASN F 33 -20.06 28.13 4.61
C ASN F 33 -18.73 28.81 4.90
N ASP F 34 -18.55 29.19 6.17
CA ASP F 34 -17.31 29.83 6.61
C ASP F 34 -16.14 28.87 6.71
N ARG F 35 -16.38 27.56 6.59
CA ARG F 35 -15.27 26.61 6.67
C ARG F 35 -14.48 26.57 5.36
N GLY F 36 -15.18 26.62 4.23
CA GLY F 36 -14.53 26.58 2.93
C GLY F 36 -14.92 25.40 2.07
N ASP F 37 -15.53 24.38 2.65
CA ASP F 37 -16.09 23.27 1.86
C ASP F 37 -17.56 23.57 1.66
N GLY F 38 -17.85 24.28 0.57
CA GLY F 38 -19.24 24.55 0.23
C GLY F 38 -19.95 23.27 -0.17
N GLY F 39 -21.18 23.12 0.33
CA GLY F 39 -21.90 21.88 0.12
C GLY F 39 -23.35 22.03 -0.29
N ILE F 40 -24.06 20.91 -0.31
CA ILE F 40 -25.47 20.85 -0.68
C ILE F 40 -26.29 20.73 0.59
N TYR F 41 -27.33 21.55 0.71
CA TYR F 41 -28.14 21.61 1.91
C TYR F 41 -29.60 21.31 1.59
N ILE F 42 -30.29 20.73 2.57
CA ILE F 42 -31.73 20.52 2.48
C ILE F 42 -32.40 21.88 2.65
N GLY F 43 -33.04 22.38 1.60
CA GLY F 43 -33.73 23.65 1.70
C GLY F 43 -34.96 23.54 2.55
N SER F 44 -35.90 22.69 2.14
CA SER F 44 -37.10 22.43 2.90
C SER F 44 -37.58 21.02 2.60
N ILE F 45 -38.39 20.49 3.51
CA ILE F 45 -38.92 19.14 3.38
C ILE F 45 -40.42 19.24 3.21
N MET F 46 -40.92 18.77 2.08
CA MET F 46 -42.34 18.88 1.77
C MET F 46 -43.11 17.81 2.49
N LYS F 47 -44.35 18.13 2.85
CA LYS F 47 -45.23 17.17 3.49
C LYS F 47 -45.72 16.15 2.47
N GLY F 48 -45.88 14.91 2.93
CA GLY F 48 -46.32 13.84 2.06
C GLY F 48 -45.22 13.15 1.30
N GLY F 49 -43.94 13.47 1.57
CA GLY F 49 -42.83 12.82 0.92
C GLY F 49 -42.22 11.75 1.84
N ALA F 50 -41.29 10.99 1.27
CA ALA F 50 -40.65 9.93 2.04
C ALA F 50 -39.78 10.49 3.16
N VAL F 51 -39.06 11.58 2.89
CA VAL F 51 -38.20 12.17 3.90
C VAL F 51 -39.02 12.73 5.05
N ALA F 52 -40.14 13.40 4.74
CA ALA F 52 -41.03 13.89 5.80
C ALA F 52 -41.63 12.73 6.58
N ALA F 53 -41.96 11.63 5.91
CA ALA F 53 -42.53 10.48 6.60
C ALA F 53 -41.52 9.89 7.59
N ASP F 54 -40.25 9.80 7.19
CA ASP F 54 -39.23 9.24 8.08
C ASP F 54 -38.93 10.19 9.23
N GLY F 55 -38.80 11.49 8.95
CA GLY F 55 -38.68 12.49 9.98
C GLY F 55 -37.29 12.70 10.57
N ARG F 56 -36.31 11.87 10.22
CA ARG F 56 -34.99 12.02 10.81
C ARG F 56 -34.22 13.19 10.20
N ILE F 57 -34.37 13.41 8.90
CA ILE F 57 -33.72 14.53 8.23
C ILE F 57 -34.56 15.79 8.44
N GLU F 58 -33.90 16.92 8.60
CA GLU F 58 -34.56 18.18 8.92
C GLU F 58 -34.05 19.28 7.99
N PRO F 59 -34.83 20.34 7.81
CA PRO F 59 -34.37 21.46 6.97
C PRO F 59 -33.08 22.06 7.50
N GLY F 60 -32.16 22.35 6.59
CA GLY F 60 -30.87 22.91 6.92
C GLY F 60 -29.75 21.89 6.98
N ASP F 61 -30.06 20.60 7.04
CA ASP F 61 -29.03 19.57 7.04
C ASP F 61 -28.24 19.62 5.75
N MET F 62 -26.94 19.34 5.86
CA MET F 62 -26.05 19.35 4.71
C MET F 62 -25.98 17.94 4.14
N LEU F 63 -26.13 17.83 2.82
CA LEU F 63 -26.20 16.54 2.14
C LEU F 63 -24.79 16.11 1.74
N LEU F 64 -24.29 15.07 2.40
CA LEU F 64 -22.95 14.57 2.14
C LEU F 64 -22.92 13.50 1.06
N GLN F 65 -23.85 12.55 1.12
CA GLN F 65 -23.86 11.43 0.18
C GLN F 65 -25.27 10.93 0.00
N VAL F 66 -25.62 10.62 -1.25
CA VAL F 66 -26.89 9.99 -1.61
C VAL F 66 -26.55 8.69 -2.32
N ASN F 67 -26.95 7.57 -1.73
CA ASN F 67 -26.50 6.25 -2.18
C ASN F 67 -24.99 6.25 -2.28
N ASP F 68 -24.46 6.02 -3.47
CA ASP F 68 -23.03 5.92 -3.71
C ASP F 68 -22.40 7.23 -4.20
N VAL F 69 -23.16 8.32 -4.26
CA VAL F 69 -22.69 9.56 -4.87
C VAL F 69 -22.36 10.57 -3.77
N ASN F 70 -21.13 11.08 -3.78
CA ASN F 70 -20.71 12.10 -2.83
C ASN F 70 -21.09 13.49 -3.31
N PHE F 71 -21.61 14.30 -2.38
CA PHE F 71 -22.13 15.63 -2.69
C PHE F 71 -21.28 16.76 -2.11
N GLU F 72 -20.10 16.45 -1.54
CA GLU F 72 -19.39 17.45 -0.74
C GLU F 72 -18.79 18.55 -1.60
N ASN F 73 -18.28 18.22 -2.78
CA ASN F 73 -17.57 19.18 -3.62
C ASN F 73 -18.31 19.40 -4.94
N MET F 74 -19.64 19.29 -4.90
CA MET F 74 -20.47 19.26 -6.07
C MET F 74 -21.25 20.57 -6.19
N SER F 75 -21.36 21.08 -7.41
CA SER F 75 -22.13 22.29 -7.64
C SER F 75 -23.62 22.04 -7.41
N ASN F 76 -24.37 23.13 -7.21
CA ASN F 76 -25.80 23.01 -6.96
C ASN F 76 -26.53 22.36 -8.12
N ASP F 77 -26.15 22.68 -9.35
CA ASP F 77 -26.81 22.10 -10.51
C ASP F 77 -26.47 20.63 -10.70
N ASP F 78 -25.18 20.29 -10.58
CA ASP F 78 -24.78 18.89 -10.68
C ASP F 78 -25.51 18.04 -9.65
N ALA F 79 -25.64 18.56 -8.42
CA ALA F 79 -26.31 17.82 -7.36
C ALA F 79 -27.78 17.60 -7.69
N VAL F 80 -28.42 18.61 -8.30
CA VAL F 80 -29.85 18.50 -8.59
C VAL F 80 -30.12 17.43 -9.65
N ARG F 81 -29.29 17.37 -10.69
CA ARG F 81 -29.46 16.31 -11.68
C ARG F 81 -29.22 14.94 -11.06
N VAL F 82 -28.18 14.81 -10.24
CA VAL F 82 -27.89 13.51 -9.62
C VAL F 82 -29.05 13.08 -8.73
N LEU F 83 -29.61 14.02 -7.95
CA LEU F 83 -30.72 13.67 -7.07
C LEU F 83 -31.94 13.20 -7.86
N ARG F 84 -32.29 13.93 -8.92
CA ARG F 84 -33.43 13.54 -9.74
C ARG F 84 -33.20 12.20 -10.43
N GLU F 85 -31.98 11.95 -10.88
CA GLU F 85 -31.67 10.68 -11.54
C GLU F 85 -31.81 9.51 -10.57
N ILE F 86 -31.32 9.67 -9.35
CA ILE F 86 -31.40 8.59 -8.37
C ILE F 86 -32.84 8.35 -7.94
N VAL F 87 -33.61 9.43 -7.77
CA VAL F 87 -35.00 9.31 -7.31
C VAL F 87 -35.85 8.57 -8.33
N SER F 88 -35.55 8.72 -9.62
CA SER F 88 -36.31 8.02 -10.65
C SER F 88 -36.17 6.51 -10.54
N GLN F 89 -35.09 6.02 -9.94
CA GLN F 89 -34.87 4.59 -9.78
C GLN F 89 -35.69 4.03 -8.62
N THR F 90 -36.13 2.79 -8.78
CA THR F 90 -36.81 2.10 -7.70
C THR F 90 -35.79 1.54 -6.72
N GLY F 91 -36.25 1.24 -5.50
CA GLY F 91 -35.41 0.65 -4.49
C GLY F 91 -35.07 1.63 -3.39
N PRO F 92 -34.25 1.18 -2.43
CA PRO F 92 -33.94 2.04 -1.28
C PRO F 92 -33.00 3.17 -1.63
N ILE F 93 -33.09 4.23 -0.85
CA ILE F 93 -32.23 5.41 -0.98
C ILE F 93 -31.62 5.70 0.38
N SER F 94 -30.30 5.75 0.45
CA SER F 94 -29.59 6.05 1.69
C SER F 94 -29.00 7.46 1.59
N LEU F 95 -29.29 8.28 2.59
CA LEU F 95 -28.81 9.66 2.65
C LEU F 95 -27.90 9.82 3.86
N THR F 96 -26.72 10.40 3.63
CA THR F 96 -25.77 10.70 4.69
C THR F 96 -25.70 12.21 4.85
N VAL F 97 -26.11 12.69 6.02
CA VAL F 97 -26.23 14.13 6.25
C VAL F 97 -25.42 14.53 7.48
N ALA F 98 -25.13 15.84 7.54
CA ALA F 98 -24.60 16.49 8.74
C ALA F 98 -25.71 17.37 9.30
N LYS F 99 -26.07 17.14 10.56
CA LYS F 99 -27.24 17.80 11.13
C LYS F 99 -27.00 19.28 11.38
N ALA F 100 -28.04 20.07 11.14
CA ALA F 100 -28.00 21.51 11.39
C ALA F 100 -29.23 21.95 12.19
N ASN G 10 -15.73 -2.18 -15.19
CA ASN G 10 -15.77 -1.10 -14.21
C ASN G 10 -15.44 0.24 -14.86
N ILE G 11 -16.37 0.78 -15.64
CA ILE G 11 -16.15 2.02 -16.37
C ILE G 11 -16.84 3.16 -15.64
N VAL G 12 -16.13 4.28 -15.50
CA VAL G 12 -16.66 5.46 -14.83
C VAL G 12 -16.27 6.69 -15.65
N THR G 13 -17.25 7.51 -15.98
CA THR G 13 -17.04 8.76 -16.71
C THR G 13 -17.19 9.93 -15.74
N VAL G 14 -16.16 10.76 -15.65
CA VAL G 14 -16.16 11.92 -14.76
C VAL G 14 -16.08 13.17 -15.63
N THR G 15 -17.01 14.10 -15.44
CA THR G 15 -17.06 15.35 -16.16
C THR G 15 -16.74 16.50 -15.21
N LEU G 16 -15.68 17.24 -15.52
CA LEU G 16 -15.23 18.34 -14.69
C LEU G 16 -15.60 19.66 -15.34
N ASN G 17 -16.25 20.56 -14.57
CA ASN G 17 -16.68 21.84 -15.13
C ASN G 17 -15.51 22.74 -15.47
N MET G 18 -14.38 22.59 -14.75
CA MET G 18 -13.19 23.43 -14.96
C MET G 18 -13.49 24.91 -14.75
N GLU G 19 -14.12 25.23 -13.61
CA GLU G 19 -14.40 26.61 -13.25
C GLU G 19 -13.52 27.12 -12.11
N ARG G 20 -13.45 26.41 -10.98
CA ARG G 20 -12.50 26.84 -9.95
C ARG G 20 -11.09 26.38 -10.22
N HIS G 21 -10.88 25.50 -11.20
CA HIS G 21 -9.54 25.02 -11.52
C HIS G 21 -9.33 25.13 -13.02
N HIS G 22 -8.11 25.49 -13.40
CA HIS G 22 -7.74 25.54 -14.80
C HIS G 22 -7.06 24.26 -15.29
N PHE G 23 -6.47 23.48 -14.40
CA PHE G 23 -5.75 22.27 -14.76
C PHE G 23 -6.47 21.03 -14.23
N LEU G 24 -6.38 19.92 -14.97
CA LEU G 24 -6.91 18.65 -14.48
C LEU G 24 -6.12 18.15 -13.25
N GLY G 25 -4.79 18.28 -13.29
CA GLY G 25 -3.90 17.85 -12.22
C GLY G 25 -3.59 16.36 -12.17
N ILE G 26 -3.15 15.77 -13.27
CA ILE G 26 -2.86 14.34 -13.34
C ILE G 26 -1.56 14.12 -14.09
N SER G 27 -0.85 13.06 -13.70
CA SER G 27 0.29 12.51 -14.44
C SER G 27 -0.08 11.12 -14.94
N ILE G 28 0.34 10.80 -16.17
CA ILE G 28 0.00 9.54 -16.81
C ILE G 28 1.25 8.73 -17.14
N VAL G 29 1.06 7.41 -17.25
CA VAL G 29 2.13 6.48 -17.58
C VAL G 29 1.55 5.36 -18.46
N GLY G 30 2.33 4.96 -19.48
CA GLY G 30 1.93 3.88 -20.37
C GLY G 30 2.31 2.50 -19.86
N GLN G 31 1.35 1.58 -19.88
CA GLN G 31 1.59 0.20 -19.48
C GLN G 31 0.90 -0.77 -20.43
N SER G 32 1.54 -1.90 -20.68
CA SER G 32 1.01 -2.97 -21.52
C SER G 32 0.87 -4.24 -20.68
N ASN G 33 0.00 -5.14 -21.12
CA ASN G 33 -0.24 -6.39 -20.41
C ASN G 33 -0.15 -7.57 -21.37
N ASP G 34 -0.20 -8.78 -20.82
CA ASP G 34 -0.04 -10.00 -21.60
C ASP G 34 -1.33 -10.49 -22.25
N ARG G 35 -2.46 -9.83 -22.00
CA ARG G 35 -3.71 -10.23 -22.64
C ARG G 35 -3.84 -9.70 -24.06
N GLY G 36 -3.10 -8.67 -24.42
CA GLY G 36 -3.17 -8.08 -25.74
C GLY G 36 -3.71 -6.67 -25.76
N ASP G 37 -4.23 -6.18 -24.64
CA ASP G 37 -4.68 -4.80 -24.54
C ASP G 37 -3.60 -3.97 -23.83
N GLY G 38 -3.95 -2.76 -23.47
CA GLY G 38 -3.06 -1.88 -22.74
C GLY G 38 -3.33 -0.44 -23.11
N GLY G 39 -2.63 0.45 -22.44
CA GLY G 39 -2.79 1.85 -22.73
C GLY G 39 -2.32 2.71 -21.56
N ILE G 40 -3.04 3.82 -21.38
CA ILE G 40 -2.61 4.91 -20.52
C ILE G 40 -3.27 4.77 -19.15
N TYR G 41 -2.47 4.89 -18.10
CA TYR G 41 -2.92 4.74 -16.72
C TYR G 41 -2.59 6.01 -15.93
N ILE G 42 -3.42 6.28 -14.92
CA ILE G 42 -3.20 7.42 -14.04
C ILE G 42 -2.03 7.11 -13.11
N GLY G 43 -0.93 7.85 -13.28
CA GLY G 43 0.23 7.69 -12.42
C GLY G 43 0.02 8.29 -11.03
N SER G 44 -0.24 9.59 -10.99
CA SER G 44 -0.52 10.28 -9.73
C SER G 44 -1.43 11.47 -10.00
N ILE G 45 -2.07 11.95 -8.95
CA ILE G 45 -3.01 13.06 -9.00
C ILE G 45 -2.44 14.21 -8.18
N MET G 46 -2.25 15.36 -8.82
CA MET G 46 -1.61 16.52 -8.20
C MET G 46 -2.58 17.27 -7.29
N LYS G 47 -2.02 17.90 -6.27
CA LYS G 47 -2.79 18.70 -5.34
C LYS G 47 -3.24 19.99 -6.02
N GLY G 48 -4.45 20.44 -5.69
CA GLY G 48 -4.95 21.69 -6.24
C GLY G 48 -5.57 21.59 -7.61
N GLY G 49 -5.74 20.39 -8.16
CA GLY G 49 -6.33 20.21 -9.46
C GLY G 49 -7.80 19.84 -9.40
N ALA G 50 -8.44 19.85 -10.57
CA ALA G 50 -9.86 19.53 -10.65
C ALA G 50 -10.10 18.05 -10.34
N VAL G 51 -9.22 17.17 -10.80
CA VAL G 51 -9.40 15.74 -10.56
C VAL G 51 -9.31 15.42 -9.08
N ALA G 52 -8.35 16.03 -8.37
CA ALA G 52 -8.24 15.81 -6.93
C ALA G 52 -9.48 16.34 -6.21
N ALA G 53 -10.00 17.48 -6.65
CA ALA G 53 -11.20 18.03 -6.04
C ALA G 53 -12.39 17.11 -6.26
N ASP G 54 -12.50 16.52 -7.46
CA ASP G 54 -13.60 15.61 -7.74
C ASP G 54 -13.44 14.31 -6.97
N GLY G 55 -12.22 13.76 -6.93
CA GLY G 55 -11.91 12.64 -6.08
C GLY G 55 -12.30 11.27 -6.60
N ARG G 56 -13.05 11.18 -7.69
CA ARG G 56 -13.49 9.88 -8.17
C ARG G 56 -12.38 9.12 -8.88
N ILE G 57 -11.52 9.81 -9.61
CA ILE G 57 -10.40 9.16 -10.30
C ILE G 57 -9.27 8.94 -9.32
N GLU G 58 -8.61 7.80 -9.42
CA GLU G 58 -7.56 7.40 -8.50
C GLU G 58 -6.37 6.86 -9.28
N PRO G 59 -5.17 6.86 -8.68
CA PRO G 59 -4.01 6.26 -9.36
C PRO G 59 -4.23 4.79 -9.67
N GLY G 60 -3.79 4.39 -10.86
CA GLY G 60 -3.94 3.03 -11.35
C GLY G 60 -5.11 2.85 -12.29
N ASP G 61 -6.06 3.78 -12.30
CA ASP G 61 -7.16 3.74 -13.25
C ASP G 61 -6.63 3.94 -14.67
N MET G 62 -7.28 3.27 -15.63
CA MET G 62 -6.87 3.34 -17.03
C MET G 62 -7.65 4.45 -17.74
N LEU G 63 -6.93 5.28 -18.49
CA LEU G 63 -7.52 6.44 -19.16
C LEU G 63 -7.96 6.02 -20.56
N LEU G 64 -9.28 5.98 -20.77
CA LEU G 64 -9.84 5.57 -22.05
C LEU G 64 -10.08 6.73 -23.00
N GLN G 65 -10.70 7.81 -22.52
CA GLN G 65 -11.07 8.90 -23.40
C GLN G 65 -11.13 10.20 -22.62
N VAL G 66 -10.63 11.26 -23.24
CA VAL G 66 -10.74 12.63 -22.73
C VAL G 66 -11.44 13.44 -23.79
N ASN G 67 -12.62 13.97 -23.44
CA ASN G 67 -13.50 14.61 -24.41
C ASN G 67 -13.73 13.71 -25.62
N ASP G 68 -13.35 14.17 -26.81
CA ASP G 68 -13.59 13.44 -28.04
C ASP G 68 -12.40 12.59 -28.49
N VAL G 69 -11.33 12.51 -27.70
CA VAL G 69 -10.10 11.83 -28.10
C VAL G 69 -9.99 10.53 -27.31
N ASN G 70 -9.85 9.42 -28.04
CA ASN G 70 -9.68 8.11 -27.41
C ASN G 70 -8.20 7.89 -27.07
N PHE G 71 -7.94 7.39 -25.87
CA PHE G 71 -6.59 7.21 -25.36
C PHE G 71 -6.17 5.76 -25.29
N GLU G 72 -7.00 4.85 -25.79
CA GLU G 72 -6.76 3.42 -25.60
C GLU G 72 -5.55 2.96 -26.40
N ASN G 73 -5.25 3.62 -27.51
CA ASN G 73 -4.22 3.21 -28.44
C ASN G 73 -3.08 4.20 -28.57
N MET G 74 -2.79 4.98 -27.53
CA MET G 74 -1.83 6.08 -27.62
C MET G 74 -0.54 5.73 -26.88
N SER G 75 0.58 6.11 -27.48
CA SER G 75 1.85 5.97 -26.79
C SER G 75 1.89 6.92 -25.60
N ASN G 76 2.78 6.64 -24.65
CA ASN G 76 2.91 7.50 -23.49
C ASN G 76 3.27 8.92 -23.87
N ASP G 77 4.06 9.07 -24.95
CA ASP G 77 4.47 10.39 -25.42
C ASP G 77 3.29 11.14 -26.03
N ASP G 78 2.54 10.47 -26.89
CA ASP G 78 1.39 11.09 -27.56
C ASP G 78 0.34 11.57 -26.57
N ALA G 79 0.03 10.76 -25.56
CA ALA G 79 -1.08 11.07 -24.65
C ALA G 79 -0.85 12.36 -23.87
N VAL G 80 0.40 12.63 -23.46
CA VAL G 80 0.68 13.81 -22.66
C VAL G 80 0.45 15.07 -23.48
N ARG G 81 0.85 15.07 -24.74
CA ARG G 81 0.65 16.23 -25.60
C ARG G 81 -0.84 16.50 -25.82
N VAL G 82 -1.62 15.45 -26.08
CA VAL G 82 -3.05 15.60 -26.28
C VAL G 82 -3.72 16.16 -25.03
N LEU G 83 -3.32 15.67 -23.86
CA LEU G 83 -3.89 16.14 -22.61
C LEU G 83 -3.61 17.63 -22.41
N ARG G 84 -2.38 18.06 -22.70
CA ARG G 84 -2.05 19.47 -22.56
C ARG G 84 -2.85 20.33 -23.52
N GLU G 85 -3.09 19.83 -24.74
CA GLU G 85 -3.86 20.58 -25.72
C GLU G 85 -5.31 20.75 -25.27
N ILE G 86 -5.91 19.69 -24.71
CA ILE G 86 -7.30 19.76 -24.27
C ILE G 86 -7.45 20.66 -23.05
N VAL G 87 -6.49 20.59 -22.12
CA VAL G 87 -6.57 21.37 -20.88
C VAL G 87 -6.51 22.87 -21.15
N SER G 88 -5.77 23.28 -22.18
CA SER G 88 -5.65 24.71 -22.48
C SER G 88 -6.99 25.34 -22.86
N GLN G 89 -7.95 24.54 -23.32
CA GLN G 89 -9.26 25.03 -23.70
C GLN G 89 -10.14 25.28 -22.47
N THR G 90 -11.00 26.28 -22.58
CA THR G 90 -12.00 26.52 -21.55
C THR G 90 -13.18 25.57 -21.72
N GLY G 91 -13.94 25.42 -20.66
CA GLY G 91 -15.12 24.59 -20.70
C GLY G 91 -14.92 23.29 -19.95
N PRO G 92 -15.93 22.43 -19.97
CA PRO G 92 -15.85 21.19 -19.20
C PRO G 92 -14.92 20.18 -19.84
N ILE G 93 -14.38 19.29 -19.02
CA ILE G 93 -13.52 18.21 -19.46
C ILE G 93 -14.08 16.91 -18.89
N SER G 94 -14.37 15.96 -19.78
CA SER G 94 -14.89 14.66 -19.39
C SER G 94 -13.81 13.59 -19.57
N LEU G 95 -13.57 12.81 -18.53
CA LEU G 95 -12.60 11.73 -18.55
C LEU G 95 -13.32 10.41 -18.35
N THR G 96 -13.04 9.44 -19.22
CA THR G 96 -13.61 8.11 -19.14
C THR G 96 -12.52 7.15 -18.72
N VAL G 97 -12.69 6.53 -17.54
CA VAL G 97 -11.65 5.70 -16.95
C VAL G 97 -12.20 4.31 -16.64
N ALA G 98 -11.28 3.36 -16.52
CA ALA G 98 -11.56 2.03 -16.00
C ALA G 98 -10.89 1.89 -14.65
N LYS G 99 -11.68 1.58 -13.62
CA LYS G 99 -11.16 1.59 -12.26
C LYS G 99 -10.20 0.43 -12.03
N ALA G 100 -9.21 0.66 -11.16
CA ALA G 100 -8.24 -0.35 -10.81
C ALA G 100 -8.67 -1.09 -9.54
N ASN H 10 24.02 -9.87 -13.04
CA ASN H 10 24.27 -10.91 -14.03
C ASN H 10 23.54 -12.19 -13.64
N ILE H 11 22.22 -12.19 -13.79
CA ILE H 11 21.40 -13.33 -13.38
C ILE H 11 20.98 -14.09 -14.63
N VAL H 12 21.09 -15.42 -14.55
CA VAL H 12 20.74 -16.31 -15.66
C VAL H 12 19.98 -17.51 -15.12
N THR H 13 18.81 -17.79 -15.69
CA THR H 13 18.02 -18.95 -15.33
C THR H 13 18.16 -19.99 -16.43
N VAL H 14 18.61 -21.19 -16.06
CA VAL H 14 18.81 -22.28 -17.01
C VAL H 14 17.85 -23.40 -16.64
N THR H 15 17.04 -23.82 -17.62
CA THR H 15 16.08 -24.90 -17.44
C THR H 15 16.53 -26.11 -18.24
N LEU H 16 16.77 -27.21 -17.54
CA LEU H 16 17.23 -28.45 -18.16
C LEU H 16 16.08 -29.45 -18.18
N ASN H 17 15.83 -30.04 -19.35
CA ASN H 17 14.73 -30.98 -19.48
C ASN H 17 15.01 -32.28 -18.73
N MET H 18 16.28 -32.63 -18.56
CA MET H 18 16.69 -33.87 -17.90
C MET H 18 16.11 -35.09 -18.62
N GLU H 19 16.25 -35.10 -19.94
CA GLU H 19 15.79 -36.20 -20.78
C GLU H 19 16.93 -37.06 -21.31
N ARG H 20 17.94 -36.45 -21.94
CA ARG H 20 19.10 -37.24 -22.35
C ARG H 20 20.08 -37.46 -21.20
N HIS H 21 19.90 -36.76 -20.09
CA HIS H 21 20.78 -36.89 -18.93
C HIS H 21 19.93 -37.00 -17.67
N HIS H 22 20.40 -37.82 -16.73
CA HIS H 22 19.76 -37.92 -15.41
C HIS H 22 20.42 -37.02 -14.39
N PHE H 23 21.69 -36.70 -14.57
CA PHE H 23 22.46 -35.93 -13.61
C PHE H 23 22.82 -34.57 -14.17
N LEU H 24 22.88 -33.58 -13.29
CA LEU H 24 23.36 -32.26 -13.67
C LEU H 24 24.83 -32.29 -14.06
N GLY H 25 25.65 -33.02 -13.32
CA GLY H 25 27.07 -33.08 -13.61
C GLY H 25 27.84 -31.87 -13.11
N ILE H 26 27.64 -31.52 -11.84
CA ILE H 26 28.31 -30.38 -11.25
C ILE H 26 28.84 -30.77 -9.87
N SER H 27 29.95 -30.16 -9.49
CA SER H 27 30.47 -30.21 -8.14
C SER H 27 30.40 -28.82 -7.54
N ILE H 28 30.04 -28.74 -6.26
CA ILE H 28 29.88 -27.45 -5.60
C ILE H 28 30.89 -27.34 -4.45
N VAL H 29 31.20 -26.09 -4.10
CA VAL H 29 32.13 -25.78 -3.02
C VAL H 29 31.60 -24.54 -2.31
N GLY H 30 31.66 -24.56 -0.98
CA GLY H 30 31.22 -23.42 -0.19
C GLY H 30 32.29 -22.37 -0.01
N GLN H 31 31.95 -21.13 -0.37
CA GLN H 31 32.82 -19.99 -0.14
C GLN H 31 31.98 -18.82 0.30
N SER H 32 32.52 -18.02 1.21
CA SER H 32 31.85 -16.83 1.71
C SER H 32 32.71 -15.61 1.36
N ASN H 33 32.11 -14.43 1.48
CA ASN H 33 32.78 -13.18 1.14
C ASN H 33 32.60 -12.20 2.29
N ASP H 34 33.21 -11.02 2.13
CA ASP H 34 33.11 -10.00 3.16
C ASP H 34 31.81 -9.21 3.06
N ARG H 35 31.19 -9.15 1.88
CA ARG H 35 29.93 -8.42 1.73
C ARG H 35 28.82 -9.08 2.55
N GLY H 36 28.50 -10.34 2.24
CA GLY H 36 27.62 -11.07 3.13
C GLY H 36 26.63 -12.06 2.53
N ASP H 37 26.75 -12.39 1.25
CA ASP H 37 25.87 -13.41 0.68
C ASP H 37 26.38 -14.82 0.91
N GLY H 38 27.68 -15.07 0.71
CA GLY H 38 28.33 -16.33 1.00
C GLY H 38 27.55 -17.61 0.76
N GLY H 39 27.26 -17.93 -0.50
CA GLY H 39 26.47 -19.11 -0.80
C GLY H 39 27.20 -20.27 -1.44
N ILE H 40 26.56 -20.87 -2.44
CA ILE H 40 27.06 -22.09 -3.09
C ILE H 40 27.56 -21.73 -4.48
N TYR H 41 28.74 -22.20 -4.83
CA TYR H 41 29.39 -21.89 -6.09
C TYR H 41 29.69 -23.16 -6.87
N ILE H 42 29.68 -23.05 -8.20
CA ILE H 42 30.00 -24.17 -9.07
C ILE H 42 31.51 -24.42 -8.99
N GLY H 43 31.89 -25.56 -8.42
CA GLY H 43 33.28 -25.96 -8.36
C GLY H 43 33.81 -26.42 -9.71
N SER H 44 33.19 -27.45 -10.26
CA SER H 44 33.55 -27.98 -11.57
C SER H 44 32.33 -28.59 -12.22
N ILE H 45 32.39 -28.75 -13.54
CA ILE H 45 31.30 -29.29 -14.33
C ILE H 45 31.76 -30.60 -14.96
N MET H 46 31.08 -31.69 -14.61
CA MET H 46 31.47 -32.99 -15.13
C MET H 46 30.98 -33.20 -16.56
N LYS H 47 31.76 -33.96 -17.32
CA LYS H 47 31.36 -34.33 -18.68
C LYS H 47 30.24 -35.36 -18.64
N GLY H 48 29.36 -35.28 -19.62
CA GLY H 48 28.25 -36.22 -19.70
C GLY H 48 27.04 -35.86 -18.88
N GLY H 49 27.05 -34.68 -18.24
CA GLY H 49 25.92 -34.22 -17.46
C GLY H 49 25.07 -33.23 -18.25
N ALA H 50 23.92 -32.90 -17.68
CA ALA H 50 22.99 -31.98 -18.34
C ALA H 50 23.56 -30.57 -18.38
N VAL H 51 24.24 -30.14 -17.31
CA VAL H 51 24.78 -28.79 -17.26
C VAL H 51 25.85 -28.58 -18.32
N ALA H 52 26.72 -29.57 -18.50
CA ALA H 52 27.75 -29.46 -19.54
C ALA H 52 27.14 -29.39 -20.94
N ALA H 53 26.07 -30.14 -21.17
CA ALA H 53 25.41 -30.11 -22.48
C ALA H 53 24.82 -28.74 -22.77
N ASP H 54 24.22 -28.10 -21.76
CA ASP H 54 23.64 -26.77 -21.97
C ASP H 54 24.72 -25.72 -22.18
N GLY H 55 25.78 -25.76 -21.38
CA GLY H 55 26.95 -24.94 -21.57
C GLY H 55 26.88 -23.53 -21.03
N ARG H 56 25.72 -23.08 -20.53
CA ARG H 56 25.60 -21.71 -20.05
C ARG H 56 26.25 -21.51 -18.69
N ILE H 57 26.14 -22.51 -17.81
CA ILE H 57 26.71 -22.41 -16.47
C ILE H 57 28.19 -22.75 -16.52
N GLU H 58 28.98 -22.04 -15.71
CA GLU H 58 30.43 -22.12 -15.69
C GLU H 58 30.92 -22.29 -14.27
N PRO H 59 32.13 -22.84 -14.09
CA PRO H 59 32.71 -22.91 -12.75
C PRO H 59 32.90 -21.51 -12.17
N GLY H 60 32.57 -21.37 -10.89
CA GLY H 60 32.64 -20.10 -10.21
C GLY H 60 31.33 -19.35 -10.13
N ASP H 61 30.35 -19.72 -10.97
CA ASP H 61 29.04 -19.10 -10.87
C ASP H 61 28.40 -19.46 -9.54
N MET H 62 27.62 -18.52 -9.00
CA MET H 62 26.99 -18.72 -7.70
C MET H 62 25.57 -19.25 -7.90
N LEU H 63 25.23 -20.28 -7.14
CA LEU H 63 23.95 -20.95 -7.27
C LEU H 63 22.93 -20.28 -6.35
N LEU H 64 21.96 -19.59 -6.93
CA LEU H 64 20.95 -18.86 -6.16
C LEU H 64 19.73 -19.70 -5.86
N GLN H 65 19.21 -20.41 -6.86
CA GLN H 65 17.98 -21.17 -6.69
C GLN H 65 18.00 -22.36 -7.64
N VAL H 66 17.59 -23.51 -7.14
CA VAL H 66 17.40 -24.71 -7.95
C VAL H 66 15.97 -25.18 -7.75
N ASN H 67 15.19 -25.17 -8.83
CA ASN H 67 13.75 -25.40 -8.74
C ASN H 67 13.13 -24.49 -7.68
N ASP H 68 12.53 -25.07 -6.66
CA ASP H 68 11.82 -24.33 -5.63
C ASP H 68 12.65 -24.02 -4.39
N VAL H 69 13.94 -24.36 -4.38
CA VAL H 69 14.78 -24.25 -3.20
C VAL H 69 15.78 -23.11 -3.37
N ASN H 70 15.80 -22.19 -2.42
CA ASN H 70 16.76 -21.10 -2.40
C ASN H 70 18.05 -21.56 -1.73
N PHE H 71 19.19 -21.18 -2.32
CA PHE H 71 20.50 -21.65 -1.90
C PHE H 71 21.38 -20.57 -1.25
N GLU H 72 20.84 -19.38 -0.96
CA GLU H 72 21.70 -18.25 -0.61
C GLU H 72 22.34 -18.40 0.78
N ASN H 73 21.60 -18.88 1.76
CA ASN H 73 22.11 -18.99 3.13
C ASN H 73 22.13 -20.45 3.58
N MET H 74 22.45 -21.34 2.66
CA MET H 74 22.32 -22.78 2.86
C MET H 74 23.70 -23.37 3.12
N SER H 75 23.75 -24.32 4.05
CA SER H 75 25.02 -24.98 4.30
C SER H 75 25.43 -25.81 3.10
N ASN H 76 26.73 -26.10 3.01
CA ASN H 76 27.23 -26.90 1.89
C ASN H 76 26.61 -28.28 1.86
N ASP H 77 26.35 -28.87 3.03
CA ASP H 77 25.74 -30.20 3.08
C ASP H 77 24.28 -30.16 2.65
N ASP H 78 23.51 -29.18 3.12
CA ASP H 78 22.12 -29.05 2.71
C ASP H 78 22.01 -28.94 1.19
N ALA H 79 22.91 -28.17 0.57
CA ALA H 79 22.86 -27.99 -0.88
C ALA H 79 23.08 -29.32 -1.59
N VAL H 80 23.99 -30.15 -1.08
CA VAL H 80 24.27 -31.44 -1.71
C VAL H 80 23.07 -32.36 -1.56
N ARG H 81 22.44 -32.34 -0.38
CA ARG H 81 21.27 -33.18 -0.14
C ARG H 81 20.12 -32.77 -1.05
N VAL H 82 19.87 -31.46 -1.16
CA VAL H 82 18.82 -30.96 -2.04
C VAL H 82 19.15 -31.28 -3.50
N LEU H 83 20.42 -31.10 -3.89
CA LEU H 83 20.81 -31.35 -5.27
C LEU H 83 20.62 -32.82 -5.63
N ARG H 84 21.03 -33.73 -4.75
CA ARG H 84 20.83 -35.15 -5.00
C ARG H 84 19.35 -35.51 -5.02
N GLU H 85 18.56 -34.88 -4.14
CA GLU H 85 17.13 -35.16 -4.10
C GLU H 85 16.42 -34.70 -5.36
N ILE H 86 16.78 -33.52 -5.87
CA ILE H 86 16.14 -33.01 -7.08
C ILE H 86 16.51 -33.89 -8.28
N VAL H 87 17.76 -34.33 -8.36
CA VAL H 87 18.18 -35.18 -9.46
C VAL H 87 17.48 -36.53 -9.41
N SER H 88 17.24 -37.06 -8.20
CA SER H 88 16.57 -38.35 -8.07
C SER H 88 15.13 -38.26 -8.56
N GLN H 89 14.54 -37.07 -8.51
CA GLN H 89 13.18 -36.86 -9.00
C GLN H 89 13.20 -36.70 -10.51
N THR H 90 12.16 -37.23 -11.17
CA THR H 90 12.05 -37.03 -12.59
C THR H 90 11.46 -35.66 -12.90
N GLY H 91 11.69 -35.21 -14.14
CA GLY H 91 11.18 -33.94 -14.59
C GLY H 91 12.25 -32.89 -14.75
N PRO H 92 11.84 -31.67 -15.13
CA PRO H 92 12.82 -30.62 -15.42
C PRO H 92 13.45 -30.04 -14.17
N ILE H 93 14.63 -29.45 -14.37
CA ILE H 93 15.39 -28.79 -13.31
C ILE H 93 15.72 -27.39 -13.79
N SER H 94 15.33 -26.39 -13.00
CA SER H 94 15.63 -24.99 -13.29
C SER H 94 16.68 -24.49 -12.32
N LEU H 95 17.76 -23.93 -12.85
CA LEU H 95 18.83 -23.38 -12.04
C LEU H 95 18.95 -21.89 -12.31
N THR H 96 18.96 -21.10 -11.24
CA THR H 96 19.15 -19.66 -11.33
C THR H 96 20.51 -19.32 -10.72
N VAL H 97 21.42 -18.81 -11.54
CA VAL H 97 22.78 -18.57 -11.12
C VAL H 97 23.14 -17.12 -11.38
N ALA H 98 24.19 -16.67 -10.68
CA ALA H 98 24.82 -15.38 -10.95
C ALA H 98 26.18 -15.64 -11.57
N LYS H 99 26.39 -15.09 -12.77
CA LYS H 99 27.60 -15.40 -13.52
C LYS H 99 28.81 -14.75 -12.88
N ALA H 100 29.90 -15.51 -12.80
CA ALA H 100 31.13 -15.02 -12.17
C ALA H 100 31.74 -13.85 -12.95
S SO4 I . 17.78 -11.53 13.94
O1 SO4 I . 18.67 -12.66 14.13
O2 SO4 I . 17.87 -11.08 12.55
O3 SO4 I . 18.15 -10.45 14.83
O4 SO4 I . 16.40 -11.94 14.24
S SO4 J . -19.51 -9.18 -0.94
O1 SO4 J . -19.60 -9.78 -2.27
O2 SO4 J . -18.80 -7.91 -1.02
O3 SO4 J . -18.80 -10.08 -0.04
O4 SO4 J . -20.86 -8.94 -0.44
S SO4 K . 4.05 25.70 18.02
O1 SO4 K . 4.68 27.02 18.12
O2 SO4 K . 4.55 25.02 16.83
O3 SO4 K . 2.60 25.86 17.93
O4 SO4 K . 4.38 24.92 19.20
S SO4 L . 24.52 3.00 3.22
O1 SO4 L . 24.65 2.31 1.93
O2 SO4 L . 24.08 4.37 2.98
O3 SO4 L . 25.81 3.02 3.90
O4 SO4 L . 23.54 2.31 4.05
S SO4 M . -1.32 -22.89 -12.74
O1 SO4 M . -2.47 -22.12 -13.19
O2 SO4 M . -0.26 -22.81 -13.73
O3 SO4 M . -0.84 -22.33 -11.47
O4 SO4 M . -1.70 -24.29 -12.54
S SO4 N . -41.34 4.84 2.36
O1 SO4 N . -41.84 5.00 1.00
O2 SO4 N . -39.99 4.28 2.31
O3 SO4 N . -41.31 6.14 3.03
O4 SO4 N . -42.22 3.93 3.09
S SO4 O . -14.05 22.40 -11.16
O1 SO4 O . -14.66 21.85 -12.36
O2 SO4 O . -12.92 23.25 -11.55
O3 SO4 O . -15.03 23.22 -10.45
O4 SO4 O . -13.57 21.33 -10.31
S SO4 P . 18.90 -32.37 -21.44
O1 SO4 P . 18.97 -30.90 -21.39
O2 SO4 P . 20.13 -32.89 -22.01
O3 SO4 P . 17.76 -32.77 -22.26
O4 SO4 P . 18.73 -32.88 -20.08
#